data_5LGT
#
_entry.id   5LGT
#
_cell.length_a   120.070
_cell.length_b   178.690
_cell.length_c   235.610
_cell.angle_alpha   90.00
_cell.angle_beta   90.00
_cell.angle_gamma   90.00
#
_symmetry.space_group_name_H-M   'I 2 2 2'
#
loop_
_entity.id
_entity.type
_entity.pdbx_description
1 polymer 'Lysine-specific histone demethylase 1A'
2 polymer 'REST corepressor 1'
3 non-polymer 'FLAVIN-ADENINE DINUCLEOTIDE'
4 non-polymer 4-methyl-~{N}-[2-[[4-(1-methylpiperidin-4-yl)oxyphenoxy]methyl]phenyl]thieno[3,2-b]pyrrole-5-carboxamide
#
loop_
_entity_poly.entity_id
_entity_poly.type
_entity_poly.pdbx_seq_one_letter_code
_entity_poly.pdbx_strand_id
1 'polypeptide(L)'
;MDESLANLSEDEYYSEEERNAKAEKEKKLPPPPPQAPPEEENESEPEEPSGVEGAAFQSRLPHDRMTSQEAACFPDIISG
PQQTQKVFLFIRNRTLQLWLDNPKIQLTFEATLQQLEAPYNSDTVLVHRVHSYLERHGLINFGIYKRIKPLPTKKTGKVI
IIGSGVSGLAAARQLQSFGMDVTLLEARDRVGGRVATFRKGNYVADLGAMVVTGLGGNPMAVVSKQVNMELAKIKQKCPL
YEANGQAVPKEKDEMVEQEFNRLLEATSYLSHQLDFNVLNNKPVSLGQALEVVIQLQEKHVKDEQIEHWKKIVKTQEELK
ELLNKMVNLKEKIKELHQQYKEASEVKPPRDITAEFLVKSKHRDLTALCKEYDELAETQGKLEEKLQELEANPPSDVYLS
SRDRQILDWHFANLEFANATPLSTLSLKHWDQDDDFEFTGSHLTVRNGYSCVPVALAEGLDIKLNTAVRQVRYTASGCEV
IAVNTRSTSQTFIYKCDAVLCTLPLGVLKQQPPAVQFVPPLPEWKTSAVQRMGFGNLNKVVLCFDRVFWDPSVNLFGHVG
STTASRGELFLFWNLYKAPILLALVAGEAAGIMENISDDVIVGRCLAILKGIFGSSAVPQPKETVVSRWRADPWARGSYS
YVAAGSSGNDYDLMAQPITPGPSIPGAPQPIPRLFFAGEHTIRNYPATVHGALLSGLREAGRIADQFLGAMYTLPRQATP
GVPAQQSPSM
;
A
2 'polypeptide(L)'
;RAKRKPPKGMFLSQEDVEAVSANATAATTVLRQLDMELVSVKRQIQNIKQTNSALKEKLDGGIEPYRLPEVIQKCNARWT
TEEQLLAVQAIRKYGRDFQAISDVIGNKSVVQVKNFFVNYRRRFNIDEVLQEWEAEHGKEETNGPSNQKPVKSPDNSIKM
PEEEDEAPVLDVRYASAS
;
B
#
# COMPACT_ATOMS: atom_id res chain seq x y z
N PRO A 49 -13.44 -23.67 7.99
CA PRO A 49 -13.94 -25.04 7.94
C PRO A 49 -14.47 -25.58 9.29
N SER A 50 -15.14 -26.73 9.24
CA SER A 50 -15.55 -27.47 10.45
C SER A 50 -15.43 -28.99 10.21
N GLY A 51 -15.50 -29.76 11.29
CA GLY A 51 -15.21 -31.19 11.26
C GLY A 51 -13.85 -31.43 11.90
N VAL A 52 -13.21 -32.53 11.54
CA VAL A 52 -11.81 -32.72 11.92
C VAL A 52 -10.98 -31.68 11.20
N GLU A 53 -11.29 -31.45 9.92
CA GLU A 53 -10.52 -30.51 9.08
C GLU A 53 -10.39 -29.14 9.74
N GLY A 54 -11.43 -28.71 10.44
CA GLY A 54 -11.44 -27.44 11.15
C GLY A 54 -10.48 -27.39 12.33
N ALA A 55 -10.30 -28.54 12.99
CA ALA A 55 -9.28 -28.67 14.04
C ALA A 55 -7.89 -28.45 13.47
N ALA A 56 -7.60 -29.03 12.32
CA ALA A 56 -6.31 -28.80 11.66
C ALA A 56 -6.14 -27.32 11.39
N PHE A 57 -7.08 -26.76 10.63
CA PHE A 57 -7.06 -25.34 10.34
C PHE A 57 -6.85 -24.53 11.64
N GLN A 58 -7.59 -24.86 12.67
CA GLN A 58 -7.54 -24.11 13.92
C GLN A 58 -6.17 -24.28 14.61
N SER A 59 -5.45 -25.33 14.26
CA SER A 59 -4.09 -25.54 14.76
C SER A 59 -3.02 -25.18 13.70
N ARG A 60 -3.37 -24.27 12.80
CA ARG A 60 -2.48 -23.80 11.74
C ARG A 60 -1.88 -24.92 10.91
N LEU A 61 -2.66 -25.94 10.60
CA LEU A 61 -2.15 -27.12 9.87
C LEU A 61 -3.00 -27.49 8.69
N PRO A 62 -2.34 -27.90 7.59
CA PRO A 62 -3.08 -28.31 6.41
C PRO A 62 -3.73 -29.66 6.68
N HIS A 63 -5.07 -29.68 6.71
CA HIS A 63 -5.83 -30.89 7.08
C HIS A 63 -5.56 -32.13 6.21
N ASP A 64 -5.11 -31.94 4.97
CA ASP A 64 -4.97 -33.05 4.03
C ASP A 64 -3.54 -33.32 3.60
N ARG A 65 -2.56 -32.74 4.30
CA ARG A 65 -1.16 -32.96 3.94
C ARG A 65 -0.29 -33.07 5.19
N MET A 66 0.79 -33.84 5.08
CA MET A 66 1.73 -33.99 6.19
C MET A 66 2.74 -32.87 6.13
N THR A 67 2.95 -32.19 7.26
CA THR A 67 3.89 -31.06 7.31
C THR A 67 5.31 -31.55 7.24
N SER A 68 6.25 -30.64 7.00
CA SER A 68 7.67 -30.98 6.97
C SER A 68 8.15 -31.57 8.29
N GLN A 69 7.72 -30.95 9.37
CA GLN A 69 8.05 -31.41 10.70
C GLN A 69 7.61 -32.85 10.97
N GLU A 70 6.37 -33.15 10.62
CA GLU A 70 5.80 -34.47 10.84
C GLU A 70 6.56 -35.50 10.04
N ALA A 71 6.88 -35.14 8.81
CA ALA A 71 7.74 -35.95 7.97
C ALA A 71 9.04 -36.29 8.69
N ALA A 72 9.56 -35.33 9.43
CA ALA A 72 10.85 -35.52 10.09
C ALA A 72 10.77 -36.62 11.13
N CYS A 73 9.63 -36.70 11.84
CA CYS A 73 9.37 -37.70 12.88
C CYS A 73 8.58 -38.92 12.45
N PHE A 74 7.96 -38.87 11.28
CA PHE A 74 7.20 -40.01 10.79
C PHE A 74 7.63 -40.35 9.38
N PRO A 75 8.96 -40.39 9.16
CA PRO A 75 9.52 -40.57 7.83
C PRO A 75 9.13 -41.90 7.22
N ASP A 76 8.83 -42.87 8.09
CA ASP A 76 8.32 -44.16 7.64
C ASP A 76 7.00 -43.97 6.93
N ILE A 77 6.14 -43.14 7.51
CA ILE A 77 4.77 -42.97 7.04
C ILE A 77 4.66 -42.15 5.76
N ILE A 78 5.34 -41.03 5.76
CA ILE A 78 5.23 -40.10 4.66
C ILE A 78 5.92 -40.65 3.41
N SER A 79 7.00 -41.39 3.55
CA SER A 79 7.60 -42.08 2.40
C SER A 79 6.77 -43.30 2.08
N GLY A 80 5.96 -43.70 3.06
CA GLY A 80 5.07 -44.85 2.96
C GLY A 80 3.95 -44.68 1.95
N PRO A 81 3.07 -45.67 1.89
CA PRO A 81 1.98 -45.64 0.92
C PRO A 81 0.84 -44.68 1.32
N GLN A 82 0.16 -44.18 0.29
CA GLN A 82 -0.84 -43.12 0.43
C GLN A 82 -1.92 -43.44 1.46
N GLN A 83 -2.35 -44.70 1.44
CA GLN A 83 -3.38 -45.13 2.35
C GLN A 83 -2.98 -44.72 3.79
N THR A 84 -1.80 -45.18 4.22
CA THR A 84 -1.38 -44.98 5.61
C THR A 84 -1.39 -43.51 6.01
N GLN A 85 -1.00 -42.65 5.08
CA GLN A 85 -0.91 -41.21 5.34
C GLN A 85 -2.26 -40.64 5.75
N LYS A 86 -3.32 -41.05 5.05
CA LYS A 86 -4.65 -40.57 5.37
C LYS A 86 -5.08 -40.99 6.78
N VAL A 87 -4.62 -42.15 7.19
CA VAL A 87 -4.88 -42.65 8.54
C VAL A 87 -4.26 -41.67 9.54
N PHE A 88 -2.93 -41.54 9.42
CA PHE A 88 -2.14 -40.62 10.23
C PHE A 88 -2.82 -39.27 10.35
N LEU A 89 -3.13 -38.70 9.19
CA LEU A 89 -3.68 -37.37 9.14
C LEU A 89 -4.92 -37.38 9.99
N PHE A 90 -5.83 -38.33 9.73
CA PHE A 90 -7.08 -38.37 10.49
C PHE A 90 -6.83 -38.43 12.00
N ILE A 91 -5.89 -39.27 12.39
CA ILE A 91 -5.61 -39.50 13.79
C ILE A 91 -5.24 -38.17 14.43
N ARG A 92 -4.24 -37.52 13.84
CA ARG A 92 -3.79 -36.19 14.23
C ARG A 92 -4.96 -35.22 14.37
N ASN A 93 -5.75 -35.10 13.31
CA ASN A 93 -6.81 -34.10 13.24
C ASN A 93 -7.84 -34.39 14.30
N ARG A 94 -8.21 -35.67 14.39
CA ARG A 94 -9.18 -36.12 15.39
C ARG A 94 -8.65 -35.82 16.80
N THR A 95 -7.41 -36.20 17.04
CA THR A 95 -6.77 -35.93 18.31
C THR A 95 -6.77 -34.44 18.61
N LEU A 96 -6.52 -33.65 17.56
CA LEU A 96 -6.48 -32.21 17.70
C LEU A 96 -7.84 -31.73 18.10
N GLN A 97 -8.83 -32.16 17.32
CA GLN A 97 -10.22 -31.82 17.55
C GLN A 97 -10.55 -32.03 19.00
N LEU A 98 -10.16 -33.20 19.51
CA LEU A 98 -10.49 -33.55 20.90
C LEU A 98 -9.90 -32.54 21.87
N TRP A 99 -8.60 -32.29 21.74
CA TRP A 99 -7.97 -31.27 22.58
C TRP A 99 -8.73 -29.96 22.48
N LEU A 100 -9.09 -29.58 21.26
CA LEU A 100 -9.68 -28.27 21.04
C LEU A 100 -11.07 -28.18 21.64
N ASP A 101 -11.88 -29.20 21.35
CA ASP A 101 -13.27 -29.27 21.83
C ASP A 101 -13.37 -29.12 23.34
N ASN A 102 -12.31 -29.52 24.04
CA ASN A 102 -12.15 -29.13 25.42
C ASN A 102 -10.68 -28.96 25.78
N PRO A 103 -10.23 -27.71 25.89
CA PRO A 103 -8.85 -27.42 26.22
C PRO A 103 -8.63 -27.12 27.71
N LYS A 104 -9.65 -27.38 28.54
CA LYS A 104 -9.54 -27.08 29.95
C LYS A 104 -9.02 -28.27 30.77
N ILE A 105 -8.93 -29.45 30.13
CA ILE A 105 -8.32 -30.63 30.78
C ILE A 105 -7.42 -31.42 29.84
N GLN A 106 -6.33 -31.95 30.42
CA GLN A 106 -5.33 -32.71 29.69
C GLN A 106 -5.98 -33.77 28.83
N LEU A 107 -5.50 -33.93 27.61
CA LEU A 107 -5.90 -35.04 26.78
C LEU A 107 -4.82 -36.11 26.81
N THR A 108 -5.15 -37.23 27.45
CA THR A 108 -4.24 -38.37 27.63
C THR A 108 -4.31 -39.31 26.46
N PHE A 109 -3.27 -40.12 26.32
CA PHE A 109 -3.22 -41.12 25.27
C PHE A 109 -4.41 -42.08 25.29
N GLU A 110 -4.86 -42.40 26.50
CA GLU A 110 -5.94 -43.35 26.71
C GLU A 110 -7.24 -42.73 26.21
N ALA A 111 -7.59 -41.57 26.78
CA ALA A 111 -8.79 -40.84 26.39
C ALA A 111 -8.88 -40.73 24.86
N THR A 112 -7.74 -40.41 24.26
CA THR A 112 -7.62 -40.25 22.80
C THR A 112 -8.01 -41.53 22.07
N LEU A 113 -7.46 -42.66 22.52
CA LEU A 113 -7.69 -43.95 21.87
C LEU A 113 -9.10 -44.43 22.07
N GLN A 114 -9.66 -44.17 23.25
CA GLN A 114 -11.05 -44.51 23.50
C GLN A 114 -11.93 -43.99 22.37
N GLN A 115 -11.80 -42.70 22.05
CA GLN A 115 -12.67 -42.07 21.03
C GLN A 115 -12.35 -42.45 19.60
N LEU A 116 -11.19 -43.03 19.33
CA LEU A 116 -10.96 -43.55 17.98
C LEU A 116 -11.80 -44.80 17.73
N GLU A 117 -12.27 -44.94 16.49
CA GLU A 117 -12.97 -46.15 16.04
C GLU A 117 -12.17 -46.70 14.86
N ALA A 118 -11.89 -48.00 14.86
CA ALA A 118 -11.15 -48.62 13.78
C ALA A 118 -11.89 -48.29 12.47
N PRO A 119 -11.20 -48.31 11.32
CA PRO A 119 -9.82 -48.77 11.04
C PRO A 119 -8.67 -47.99 11.72
N TYR A 120 -8.97 -46.81 12.28
CA TYR A 120 -7.97 -45.92 12.90
C TYR A 120 -7.58 -46.35 14.32
N ASN A 121 -8.58 -46.71 15.11
CA ASN A 121 -8.41 -47.38 16.40
C ASN A 121 -7.42 -48.55 16.40
N SER A 122 -7.38 -49.30 15.30
CA SER A 122 -6.56 -50.51 15.21
C SER A 122 -5.11 -50.36 15.69
N ASP A 123 -4.31 -49.58 14.96
CA ASP A 123 -2.86 -49.48 15.22
C ASP A 123 -2.57 -48.58 16.41
N THR A 124 -2.22 -49.16 17.57
CA THR A 124 -2.15 -48.37 18.80
C THR A 124 -0.82 -47.62 18.95
N VAL A 125 0.25 -48.09 18.30
CA VAL A 125 1.52 -47.33 18.33
C VAL A 125 1.43 -46.03 17.51
N LEU A 126 0.94 -46.15 16.30
CA LEU A 126 0.71 -44.99 15.47
C LEU A 126 -0.07 -43.93 16.23
N VAL A 127 -1.10 -44.33 16.95
CA VAL A 127 -1.88 -43.40 17.74
C VAL A 127 -1.02 -42.84 18.86
N HIS A 128 -0.19 -43.69 19.46
CA HIS A 128 0.67 -43.22 20.55
C HIS A 128 1.73 -42.24 20.06
N ARG A 129 2.48 -42.60 19.02
CA ARG A 129 3.47 -41.68 18.44
C ARG A 129 2.81 -40.33 18.16
N VAL A 130 1.74 -40.35 17.36
CA VAL A 130 1.02 -39.15 16.97
C VAL A 130 0.58 -38.35 18.17
N HIS A 131 -0.02 -39.00 19.16
CA HIS A 131 -0.39 -38.26 20.36
C HIS A 131 0.82 -37.61 21.01
N SER A 132 1.88 -38.39 21.21
CA SER A 132 3.05 -37.90 21.95
C SER A 132 3.74 -36.78 21.19
N TYR A 133 3.70 -36.86 19.87
CA TYR A 133 4.25 -35.83 19.02
C TYR A 133 3.53 -34.50 19.22
N LEU A 134 2.21 -34.52 19.13
CA LEU A 134 1.43 -33.31 19.36
C LEU A 134 1.62 -32.79 20.78
N GLU A 135 1.77 -33.72 21.71
CA GLU A 135 1.92 -33.35 23.10
C GLU A 135 3.19 -32.54 23.24
N ARG A 136 4.21 -32.98 22.52
CA ARG A 136 5.55 -32.44 22.68
C ARG A 136 5.61 -31.02 22.14
N HIS A 137 5.08 -30.83 20.95
CA HIS A 137 5.15 -29.55 20.29
C HIS A 137 3.93 -28.71 20.54
N GLY A 138 3.53 -28.59 21.81
CA GLY A 138 2.39 -27.74 22.23
C GLY A 138 1.23 -27.53 21.27
N LEU A 139 0.85 -28.56 20.54
CA LEU A 139 -0.32 -28.49 19.68
C LEU A 139 -1.54 -28.88 20.48
N ILE A 140 -1.30 -29.70 21.51
CA ILE A 140 -2.33 -30.13 22.47
C ILE A 140 -1.69 -30.04 23.83
N ASN A 141 -2.51 -30.01 24.86
CA ASN A 141 -1.97 -29.99 26.19
C ASN A 141 -0.98 -28.83 26.38
N PHE A 142 -1.46 -27.61 26.09
CA PHE A 142 -0.72 -26.40 26.40
C PHE A 142 -1.57 -25.33 27.08
N GLY A 143 -0.90 -24.44 27.77
CA GLY A 143 -1.56 -23.31 28.39
C GLY A 143 -1.90 -23.62 29.83
N ILE A 144 -3.10 -23.26 30.25
CA ILE A 144 -3.62 -23.69 31.54
C ILE A 144 -4.66 -24.80 31.38
N TYR A 145 -4.29 -25.99 31.84
CA TYR A 145 -5.14 -27.16 31.87
C TYR A 145 -5.11 -27.77 33.26
N LYS A 146 -6.15 -28.54 33.56
CA LYS A 146 -6.09 -29.48 34.68
C LYS A 146 -5.39 -30.71 34.18
N ARG A 147 -4.63 -31.34 35.07
CA ARG A 147 -3.80 -32.47 34.72
C ARG A 147 -4.42 -33.75 35.21
N ILE A 148 -4.76 -34.66 34.29
CA ILE A 148 -5.22 -35.98 34.67
C ILE A 148 -4.12 -36.76 35.38
N LYS A 149 -2.93 -36.83 34.78
CA LYS A 149 -1.83 -37.65 35.28
C LYS A 149 -0.80 -36.84 36.07
N PRO A 150 -0.94 -36.76 37.42
CA PRO A 150 0.12 -36.12 38.19
C PRO A 150 1.57 -36.47 37.76
N LEU A 151 2.48 -35.58 38.16
CA LEU A 151 3.78 -35.41 37.52
C LEU A 151 4.78 -36.50 37.86
N PRO A 152 5.72 -36.77 36.92
CA PRO A 152 6.93 -37.49 37.27
C PRO A 152 7.44 -37.13 38.68
N THR A 153 7.73 -38.18 39.44
CA THR A 153 8.11 -38.07 40.85
C THR A 153 9.35 -37.14 40.99
N LYS A 154 10.36 -37.43 40.17
CA LYS A 154 11.60 -36.65 40.16
C LYS A 154 11.78 -36.04 38.77
N LYS A 155 12.62 -35.02 38.71
CA LYS A 155 12.73 -34.19 37.52
C LYS A 155 14.04 -34.43 36.78
N THR A 156 13.95 -34.52 35.47
CA THR A 156 15.12 -34.73 34.64
C THR A 156 15.56 -33.44 33.96
N GLY A 157 16.84 -33.10 34.11
CA GLY A 157 17.40 -31.94 33.42
C GLY A 157 17.04 -30.63 34.07
N LYS A 158 17.90 -29.62 33.89
CA LYS A 158 17.68 -28.29 34.45
C LYS A 158 17.81 -27.21 33.37
N VAL A 159 16.82 -26.31 33.30
CA VAL A 159 16.83 -25.20 32.34
C VAL A 159 16.64 -23.87 33.01
N ILE A 160 17.45 -22.91 32.60
CA ILE A 160 17.24 -21.53 32.98
C ILE A 160 16.64 -20.82 31.80
N ILE A 161 15.62 -20.02 32.07
CA ILE A 161 14.95 -19.27 31.04
C ILE A 161 15.06 -17.81 31.33
N ILE A 162 15.57 -17.05 30.37
CA ILE A 162 15.72 -15.64 30.57
C ILE A 162 14.51 -14.94 30.03
N GLY A 163 13.85 -14.22 30.93
CA GLY A 163 12.69 -13.43 30.57
C GLY A 163 11.41 -14.19 30.85
N SER A 164 10.51 -13.53 31.61
CA SER A 164 9.16 -14.01 31.84
C SER A 164 8.16 -13.33 30.90
N GLY A 165 8.57 -13.10 29.65
CA GLY A 165 7.65 -12.69 28.63
C GLY A 165 7.00 -13.96 28.12
N VAL A 166 5.71 -13.86 27.87
CA VAL A 166 4.88 -14.94 27.30
C VAL A 166 5.64 -16.08 26.59
N SER A 167 6.55 -15.75 25.69
CA SER A 167 7.44 -16.76 25.08
C SER A 167 8.10 -17.61 26.17
N GLY A 168 8.77 -16.93 27.10
CA GLY A 168 9.35 -17.58 28.27
C GLY A 168 8.36 -18.41 29.07
N LEU A 169 7.23 -17.82 29.42
CA LEU A 169 6.28 -18.51 30.26
C LEU A 169 5.74 -19.72 29.55
N ALA A 170 5.35 -19.57 28.31
CA ALA A 170 4.78 -20.68 27.62
C ALA A 170 5.78 -21.82 27.55
N ALA A 171 7.07 -21.51 27.45
CA ALA A 171 8.08 -22.58 27.42
C ALA A 171 8.15 -23.25 28.81
N ALA A 172 8.43 -22.42 29.82
CA ALA A 172 8.54 -22.88 31.18
C ALA A 172 7.45 -23.90 31.49
N ARG A 173 6.19 -23.49 31.38
CA ARG A 173 5.06 -24.41 31.59
C ARG A 173 5.25 -25.70 30.83
N GLN A 174 5.59 -25.58 29.56
CA GLN A 174 5.70 -26.75 28.71
C GLN A 174 6.76 -27.72 29.17
N LEU A 175 7.87 -27.19 29.66
CA LEU A 175 8.98 -28.03 30.06
C LEU A 175 8.61 -28.74 31.36
N GLN A 176 8.24 -27.94 32.36
CA GLN A 176 7.71 -28.47 33.60
C GLN A 176 6.58 -29.48 33.31
N SER A 177 5.69 -29.15 32.38
CA SER A 177 4.71 -30.12 31.90
C SER A 177 5.37 -31.47 31.58
N PHE A 178 6.56 -31.44 30.98
CA PHE A 178 7.28 -32.66 30.61
C PHE A 178 8.18 -33.20 31.71
N GLY A 179 8.28 -32.48 32.82
CA GLY A 179 8.99 -32.96 33.99
C GLY A 179 10.44 -32.53 34.05
N MET A 180 10.74 -31.35 33.51
CA MET A 180 12.07 -30.80 33.63
C MET A 180 12.02 -29.80 34.74
N ASP A 181 13.19 -29.43 35.26
CA ASP A 181 13.27 -28.43 36.32
C ASP A 181 13.49 -27.11 35.62
N VAL A 182 12.65 -26.14 35.92
CA VAL A 182 12.77 -24.85 35.23
C VAL A 182 12.84 -23.68 36.20
N THR A 183 13.60 -22.68 35.82
CA THR A 183 13.66 -21.45 36.58
C THR A 183 13.78 -20.29 35.64
N LEU A 184 12.88 -19.32 35.76
CA LEU A 184 12.93 -18.14 34.93
C LEU A 184 13.51 -17.00 35.72
N LEU A 185 14.23 -16.12 35.04
CA LEU A 185 14.81 -14.95 35.63
C LEU A 185 14.31 -13.75 34.86
N GLU A 186 13.77 -12.79 35.58
CA GLU A 186 13.12 -11.64 34.99
C GLU A 186 13.73 -10.46 35.66
N ALA A 187 14.10 -9.45 34.86
CA ALA A 187 14.69 -8.23 35.39
C ALA A 187 13.62 -7.36 36.05
N ARG A 188 12.44 -7.39 35.46
CA ARG A 188 11.29 -6.69 35.99
C ARG A 188 10.77 -7.27 37.30
N ASP A 189 9.90 -6.51 37.95
CA ASP A 189 9.20 -6.95 39.15
C ASP A 189 7.80 -7.39 38.79
N ARG A 190 7.65 -8.04 37.64
CA ARG A 190 6.34 -8.49 37.20
C ARG A 190 6.52 -9.32 35.96
N VAL A 191 5.63 -10.28 35.77
CA VAL A 191 5.64 -11.09 34.56
C VAL A 191 5.14 -10.32 33.32
N GLY A 192 5.08 -10.99 32.17
CA GLY A 192 4.41 -10.48 30.97
C GLY A 192 5.32 -9.73 30.03
N GLY A 193 6.20 -8.93 30.62
CA GLY A 193 7.06 -8.07 29.84
C GLY A 193 6.22 -7.12 29.02
N ARG A 194 6.25 -7.31 27.70
CA ARG A 194 5.57 -6.39 26.78
C ARG A 194 4.06 -6.62 26.76
N VAL A 195 3.59 -7.53 27.63
CA VAL A 195 2.21 -7.54 28.04
C VAL A 195 2.13 -6.82 29.36
N ALA A 196 2.08 -5.51 29.26
CA ALA A 196 1.91 -4.61 30.37
C ALA A 196 0.47 -4.19 30.37
N THR A 197 -0.08 -4.05 31.58
CA THR A 197 -1.39 -3.53 31.79
C THR A 197 -1.27 -2.52 32.90
N PHE A 198 -2.09 -1.48 32.84
CA PHE A 198 -2.16 -0.45 33.86
C PHE A 198 -3.40 -0.72 34.72
N ARG A 199 -3.26 -0.64 36.04
CA ARG A 199 -4.39 -0.76 36.96
C ARG A 199 -4.33 0.26 38.07
N LYS A 200 -5.46 0.88 38.34
CA LYS A 200 -5.59 1.86 39.42
C LYS A 200 -7.07 2.17 39.59
N GLY A 201 -7.57 2.00 40.82
CA GLY A 201 -9.02 1.98 41.06
C GLY A 201 -9.68 0.95 40.15
N ASN A 202 -10.71 1.38 39.40
CA ASN A 202 -11.27 0.58 38.30
C ASN A 202 -10.79 1.05 36.94
N TYR A 203 -9.82 1.96 36.88
CA TYR A 203 -9.18 2.26 35.60
C TYR A 203 -8.27 1.08 35.25
N VAL A 204 -8.35 0.65 33.99
CA VAL A 204 -7.57 -0.48 33.50
C VAL A 204 -7.25 -0.24 32.04
N ALA A 205 -5.96 -0.23 31.69
CA ALA A 205 -5.57 -0.05 30.29
C ALA A 205 -4.18 -0.59 29.96
N ASP A 206 -4.07 -1.42 28.92
CA ASP A 206 -2.77 -1.92 28.48
C ASP A 206 -1.91 -0.83 27.83
N LEU A 207 -0.64 -0.79 28.23
CA LEU A 207 0.39 -0.07 27.51
C LEU A 207 1.13 -1.00 26.57
N GLY A 208 0.89 -2.30 26.75
CA GLY A 208 1.53 -3.32 25.94
C GLY A 208 0.56 -3.85 24.92
N ALA A 209 0.61 -5.16 24.68
CA ALA A 209 -0.33 -5.76 23.76
C ALA A 209 -1.73 -5.51 24.26
N MET A 210 -2.64 -5.42 23.30
CA MET A 210 -4.05 -5.20 23.58
C MET A 210 -4.98 -6.04 22.75
N VAL A 211 -4.54 -6.47 21.58
CA VAL A 211 -5.48 -6.96 20.60
C VAL A 211 -5.21 -8.40 20.23
N VAL A 212 -6.29 -9.15 20.04
CA VAL A 212 -6.18 -10.47 19.48
C VAL A 212 -6.60 -10.37 18.04
N THR A 213 -5.69 -10.67 17.13
CA THR A 213 -5.91 -10.40 15.73
C THR A 213 -6.64 -11.55 15.05
N GLY A 214 -7.84 -11.84 15.54
CA GLY A 214 -8.70 -12.86 14.93
C GLY A 214 -8.51 -14.14 15.69
N LEU A 215 -9.58 -14.91 15.84
CA LEU A 215 -9.49 -16.19 16.57
C LEU A 215 -9.29 -17.38 15.63
N GLY A 216 -9.45 -17.15 14.33
CA GLY A 216 -9.45 -18.24 13.36
C GLY A 216 -8.10 -18.87 13.10
N GLY A 217 -7.74 -19.82 13.95
CA GLY A 217 -6.43 -20.49 13.88
C GLY A 217 -5.39 -19.85 14.80
N ASN A 218 -5.86 -18.93 15.63
CA ASN A 218 -5.04 -18.31 16.63
C ASN A 218 -5.03 -19.24 17.86
N PRO A 219 -3.84 -19.57 18.36
CA PRO A 219 -3.78 -20.37 19.56
C PRO A 219 -4.24 -19.62 20.79
N MET A 220 -4.19 -18.29 20.76
CA MET A 220 -4.78 -17.50 21.85
C MET A 220 -6.28 -17.73 22.03
N ALA A 221 -6.94 -18.19 20.97
CA ALA A 221 -8.31 -18.65 21.07
C ALA A 221 -8.43 -19.73 22.15
N VAL A 222 -7.54 -20.71 22.13
CA VAL A 222 -7.49 -21.74 23.16
C VAL A 222 -7.22 -21.18 24.55
N VAL A 223 -6.33 -20.22 24.66
CA VAL A 223 -6.04 -19.65 25.96
C VAL A 223 -7.24 -18.89 26.46
N SER A 224 -7.98 -18.26 25.54
CA SER A 224 -9.17 -17.50 25.92
C SER A 224 -10.18 -18.37 26.66
N LYS A 225 -10.28 -19.64 26.27
CA LYS A 225 -11.15 -20.59 26.96
C LYS A 225 -10.58 -21.01 28.31
N GLN A 226 -9.26 -21.09 28.41
CA GLN A 226 -8.60 -21.49 29.66
C GLN A 226 -8.50 -20.34 30.64
N VAL A 227 -8.59 -19.11 30.15
CA VAL A 227 -8.50 -17.95 31.01
C VAL A 227 -9.61 -16.99 30.64
N ASN A 228 -10.17 -16.33 31.65
CA ASN A 228 -11.20 -15.36 31.40
C ASN A 228 -10.59 -14.07 30.89
N MET A 229 -10.71 -13.87 29.58
CA MET A 229 -10.35 -12.62 28.96
C MET A 229 -11.70 -12.06 28.46
N GLU A 230 -12.01 -10.82 28.84
CA GLU A 230 -13.23 -10.19 28.37
C GLU A 230 -13.00 -9.66 26.97
N LEU A 231 -13.36 -10.48 25.99
CA LEU A 231 -13.02 -10.20 24.60
C LEU A 231 -14.13 -9.44 23.87
N ALA A 232 -13.83 -8.21 23.46
CA ALA A 232 -14.77 -7.31 22.79
C ALA A 232 -14.37 -7.06 21.34
N LYS A 233 -15.30 -7.20 20.38
CA LYS A 233 -15.03 -6.78 19.00
C LYS A 233 -14.74 -5.28 18.95
N ILE A 234 -14.08 -4.87 17.87
CA ILE A 234 -13.72 -3.47 17.69
C ILE A 234 -14.48 -2.94 16.49
N LYS A 235 -15.26 -1.89 16.72
CA LYS A 235 -16.07 -1.31 15.66
C LYS A 235 -15.15 -0.48 14.79
N GLN A 236 -14.94 -0.94 13.55
CA GLN A 236 -13.82 -0.47 12.74
C GLN A 236 -14.03 0.95 12.20
N LYS A 237 -15.20 1.53 12.41
CA LYS A 237 -15.44 2.93 12.03
C LYS A 237 -14.51 3.86 12.79
N CYS A 238 -13.80 4.70 12.02
CA CYS A 238 -12.87 5.68 12.57
C CYS A 238 -12.93 6.95 11.74
N PRO A 239 -13.54 8.02 12.28
CA PRO A 239 -13.63 9.31 11.63
C PRO A 239 -12.44 10.21 11.90
N LEU A 240 -11.96 10.91 10.87
CA LEU A 240 -10.76 11.75 10.98
C LEU A 240 -11.10 13.23 11.20
N TYR A 241 -10.23 13.92 11.93
CA TYR A 241 -10.50 15.29 12.34
C TYR A 241 -9.28 16.15 12.06
N GLU A 242 -9.35 16.94 10.99
CA GLU A 242 -8.27 17.86 10.63
C GLU A 242 -7.73 18.69 11.79
N ALA A 243 -6.62 19.36 11.52
CA ALA A 243 -5.91 20.11 12.54
C ALA A 243 -6.84 21.07 13.31
N ASN A 244 -7.62 21.86 12.57
CA ASN A 244 -8.56 22.84 13.16
C ASN A 244 -9.53 22.27 14.21
N GLY A 245 -9.99 21.04 13.99
CA GLY A 245 -11.01 20.41 14.83
C GLY A 245 -12.24 19.94 14.07
N GLN A 246 -12.14 19.83 12.74
CA GLN A 246 -13.30 19.55 11.91
C GLN A 246 -13.22 18.20 11.25
N ALA A 247 -14.27 17.41 11.42
CA ALA A 247 -14.39 16.14 10.73
C ALA A 247 -14.11 16.32 9.25
N VAL A 248 -13.44 15.35 8.65
CA VAL A 248 -13.24 15.36 7.23
C VAL A 248 -14.54 14.87 6.60
N PRO A 249 -15.02 15.55 5.55
CA PRO A 249 -16.21 15.16 4.78
C PRO A 249 -16.14 13.72 4.28
N LYS A 250 -17.20 12.94 4.49
CA LYS A 250 -17.26 11.56 3.99
C LYS A 250 -16.67 11.41 2.59
N GLU A 251 -16.99 12.38 1.73
CA GLU A 251 -16.59 12.34 0.33
C GLU A 251 -15.07 12.20 0.17
N LYS A 252 -14.33 13.08 0.85
CA LYS A 252 -12.86 13.06 0.85
C LYS A 252 -12.29 11.83 1.54
N ASP A 253 -12.72 11.64 2.78
CA ASP A 253 -12.34 10.48 3.57
C ASP A 253 -12.21 9.23 2.69
N GLU A 254 -13.15 9.02 1.78
CA GLU A 254 -13.08 7.90 0.86
C GLU A 254 -12.08 8.13 -0.28
N MET A 255 -12.06 9.32 -0.88
CA MET A 255 -11.15 9.58 -2.02
C MET A 255 -9.72 9.23 -1.64
N VAL A 256 -9.33 9.63 -0.42
CA VAL A 256 -7.96 9.48 0.03
C VAL A 256 -7.70 8.05 0.44
N GLU A 257 -8.57 7.46 1.25
CA GLU A 257 -8.39 6.06 1.62
C GLU A 257 -8.18 5.25 0.36
N GLN A 258 -9.05 5.40 -0.62
CA GLN A 258 -8.91 4.59 -1.82
C GLN A 258 -7.54 4.83 -2.44
N GLU A 259 -7.10 6.09 -2.47
CA GLU A 259 -5.82 6.43 -3.11
C GLU A 259 -4.68 5.82 -2.31
N PHE A 260 -4.79 5.91 -0.98
CA PHE A 260 -3.86 5.21 -0.10
C PHE A 260 -3.77 3.73 -0.42
N ASN A 261 -4.91 3.05 -0.44
CA ASN A 261 -4.91 1.62 -0.77
C ASN A 261 -4.37 1.38 -2.17
N ARG A 262 -4.68 2.30 -3.08
CA ARG A 262 -4.22 2.22 -4.47
C ARG A 262 -2.71 2.38 -4.54
N LEU A 263 -2.20 3.34 -3.79
CA LEU A 263 -0.76 3.57 -3.73
C LEU A 263 0.01 2.37 -3.20
N LEU A 264 -0.59 1.63 -2.27
CA LEU A 264 0.07 0.46 -1.72
C LEU A 264 0.17 -0.64 -2.74
N GLU A 265 -0.94 -1.01 -3.37
CA GLU A 265 -0.88 -2.08 -4.39
C GLU A 265 0.17 -1.68 -5.41
N ALA A 266 0.24 -0.37 -5.67
CA ALA A 266 1.21 0.19 -6.59
C ALA A 266 2.61 -0.24 -6.21
N THR A 267 3.02 0.05 -4.99
CA THR A 267 4.36 -0.33 -4.53
C THR A 267 4.62 -1.80 -4.77
N SER A 268 3.64 -2.64 -4.47
CA SER A 268 3.78 -4.08 -4.67
C SER A 268 3.99 -4.43 -6.15
N TYR A 269 3.33 -3.68 -7.03
CA TYR A 269 3.58 -3.81 -8.46
C TYR A 269 5.05 -3.50 -8.77
N LEU A 270 5.57 -2.39 -8.26
CA LEU A 270 6.98 -2.05 -8.50
C LEU A 270 7.85 -3.21 -8.10
N SER A 271 7.61 -3.71 -6.89
CA SER A 271 8.48 -4.72 -6.34
C SER A 271 8.39 -6.03 -7.13
N HIS A 272 7.20 -6.58 -7.24
CA HIS A 272 7.06 -7.94 -7.78
C HIS A 272 6.99 -8.01 -9.30
N GLN A 273 6.70 -6.89 -9.96
CA GLN A 273 6.56 -6.90 -11.42
C GLN A 273 7.71 -6.19 -12.11
N LEU A 274 8.00 -4.96 -11.70
CA LEU A 274 9.11 -4.19 -12.31
C LEU A 274 10.46 -4.44 -11.64
N ASP A 275 10.48 -5.30 -10.61
CA ASP A 275 11.70 -5.68 -9.88
C ASP A 275 12.48 -4.49 -9.29
N PHE A 276 11.76 -3.43 -8.95
CA PHE A 276 12.36 -2.19 -8.44
C PHE A 276 12.82 -2.38 -7.01
N ASN A 277 13.95 -3.06 -6.83
CA ASN A 277 14.31 -3.49 -5.50
C ASN A 277 15.66 -3.06 -4.98
N VAL A 278 16.49 -2.40 -5.79
CA VAL A 278 17.72 -1.80 -5.26
C VAL A 278 17.99 -0.43 -5.87
N LEU A 279 18.44 0.51 -5.04
CA LEU A 279 18.88 1.82 -5.51
C LEU A 279 20.30 2.11 -5.09
N ASN A 280 21.19 2.28 -6.07
CA ASN A 280 22.63 2.53 -5.84
C ASN A 280 23.24 1.63 -4.76
N ASN A 281 23.18 0.33 -5.04
CA ASN A 281 23.74 -0.70 -4.15
C ASN A 281 22.97 -0.90 -2.83
N LYS A 282 22.05 -0.01 -2.48
CA LYS A 282 21.26 -0.13 -1.23
C LYS A 282 19.82 -0.56 -1.53
N PRO A 283 19.24 -1.43 -0.68
CA PRO A 283 17.92 -1.98 -0.95
C PRO A 283 16.78 -0.98 -0.70
N VAL A 284 15.72 -1.11 -1.50
CA VAL A 284 14.67 -0.11 -1.53
C VAL A 284 13.78 -0.28 -0.30
N SER A 285 13.33 0.83 0.25
CA SER A 285 12.35 0.77 1.33
C SER A 285 10.95 1.08 0.85
N LEU A 286 9.96 0.72 1.66
CA LEU A 286 8.57 1.01 1.32
C LEU A 286 8.40 2.51 1.13
N GLY A 287 8.88 3.27 2.11
CA GLY A 287 8.90 4.73 2.02
C GLY A 287 9.35 5.26 0.67
N GLN A 288 10.53 4.83 0.21
CA GLN A 288 11.02 5.24 -1.11
C GLN A 288 10.01 4.93 -2.19
N ALA A 289 9.60 3.67 -2.28
CA ALA A 289 8.72 3.26 -3.36
C ALA A 289 7.45 4.10 -3.38
N LEU A 290 6.88 4.36 -2.21
CA LEU A 290 5.70 5.23 -2.12
C LEU A 290 5.93 6.62 -2.69
N GLU A 291 7.03 7.25 -2.32
CA GLU A 291 7.40 8.53 -2.91
C GLU A 291 7.51 8.41 -4.41
N VAL A 292 8.30 7.46 -4.89
CA VAL A 292 8.40 7.28 -6.32
C VAL A 292 7.01 7.14 -6.94
N VAL A 293 6.19 6.24 -6.41
CA VAL A 293 4.87 6.04 -6.98
C VAL A 293 4.09 7.34 -6.96
N ILE A 294 4.11 8.04 -5.84
CA ILE A 294 3.41 9.32 -5.75
C ILE A 294 3.91 10.30 -6.79
N GLN A 295 5.24 10.49 -6.85
CA GLN A 295 5.81 11.42 -7.82
C GLN A 295 5.29 11.05 -9.20
N LEU A 296 5.49 9.80 -9.57
CA LEU A 296 5.01 9.32 -10.85
C LEU A 296 3.57 9.65 -11.18
N GLN A 297 2.71 9.75 -10.15
CA GLN A 297 1.33 10.17 -10.37
C GLN A 297 1.25 11.68 -10.60
N GLU A 298 1.91 12.46 -9.73
CA GLU A 298 2.11 13.90 -9.96
C GLU A 298 2.57 14.18 -11.39
N LYS A 299 3.61 13.47 -11.79
CA LYS A 299 4.18 13.57 -13.14
C LYS A 299 3.16 13.24 -14.22
N HIS A 300 2.48 12.13 -14.09
CA HIS A 300 1.45 11.81 -15.05
C HIS A 300 0.34 12.87 -15.13
N VAL A 301 0.00 13.55 -14.04
CA VAL A 301 -0.99 14.65 -14.12
C VAL A 301 -0.52 15.77 -15.05
N LYS A 302 0.75 16.15 -14.88
CA LYS A 302 1.37 17.15 -15.73
C LYS A 302 1.38 16.70 -17.19
N ASP A 303 2.07 15.62 -17.49
CA ASP A 303 2.06 15.03 -18.83
C ASP A 303 0.68 15.10 -19.52
N GLU A 304 -0.40 14.97 -18.74
CA GLU A 304 -1.76 15.04 -19.28
C GLU A 304 -2.19 16.46 -19.63
N GLN A 305 -1.92 17.41 -18.73
CA GLN A 305 -2.23 18.80 -19.00
C GLN A 305 -1.49 19.32 -20.23
N ILE A 306 -0.17 19.11 -20.25
CA ILE A 306 0.64 19.40 -21.42
C ILE A 306 -0.08 18.90 -22.67
N GLU A 307 -0.21 17.59 -22.83
CA GLU A 307 -0.87 17.02 -24.01
C GLU A 307 -2.22 17.69 -24.37
N HIS A 308 -3.00 18.10 -23.36
CA HIS A 308 -4.31 18.74 -23.57
C HIS A 308 -4.18 20.15 -24.12
N TRP A 309 -3.53 21.04 -23.37
CA TRP A 309 -3.27 22.40 -23.87
C TRP A 309 -2.55 22.39 -25.24
N LYS A 310 -1.50 21.60 -25.37
CA LYS A 310 -0.85 21.34 -26.66
C LYS A 310 -1.80 20.93 -27.79
N LYS A 311 -2.89 20.25 -27.45
CA LYS A 311 -3.91 19.91 -28.44
C LYS A 311 -4.77 21.12 -28.72
N ILE A 312 -4.93 21.98 -27.71
CA ILE A 312 -5.55 23.28 -27.93
C ILE A 312 -4.78 24.15 -28.94
N VAL A 313 -3.46 24.35 -28.78
CA VAL A 313 -2.70 25.18 -29.73
C VAL A 313 -2.91 24.67 -31.13
N LYS A 314 -2.62 23.39 -31.31
CA LYS A 314 -2.50 22.82 -32.62
C LYS A 314 -3.81 23.11 -33.39
N THR A 315 -4.91 23.22 -32.65
CA THR A 315 -6.19 23.66 -33.21
C THR A 315 -6.29 25.18 -33.30
N GLN A 316 -5.87 25.89 -32.28
CA GLN A 316 -5.73 27.35 -32.38
C GLN A 316 -4.94 27.76 -33.64
N GLU A 317 -3.77 27.15 -33.85
CA GLU A 317 -2.98 27.40 -35.07
C GLU A 317 -3.71 27.07 -36.34
N GLU A 318 -4.46 25.97 -36.35
CA GLU A 318 -5.31 25.66 -37.50
C GLU A 318 -6.29 26.78 -37.78
N LEU A 319 -6.77 27.44 -36.74
CA LEU A 319 -7.68 28.56 -36.89
C LEU A 319 -6.97 29.77 -37.50
N LYS A 320 -5.82 30.12 -36.92
CA LYS A 320 -4.97 31.18 -37.45
C LYS A 320 -4.79 31.03 -38.95
N GLU A 321 -4.23 29.89 -39.37
CA GLU A 321 -4.05 29.61 -40.79
C GLU A 321 -5.31 29.85 -41.59
N LEU A 322 -6.43 29.35 -41.07
CA LEU A 322 -7.70 29.49 -41.75
C LEU A 322 -8.10 30.95 -41.90
N LEU A 323 -8.02 31.71 -40.82
CA LEU A 323 -8.42 33.11 -40.87
C LEU A 323 -7.62 33.89 -41.92
N ASN A 324 -6.31 33.64 -42.02
CA ASN A 324 -5.50 34.24 -43.08
C ASN A 324 -6.07 33.96 -44.44
N LYS A 325 -6.20 32.68 -44.78
CA LYS A 325 -6.96 32.31 -45.95
C LYS A 325 -8.23 33.13 -46.09
N MET A 326 -8.98 33.30 -45.00
CA MET A 326 -10.26 34.01 -45.04
C MET A 326 -10.11 35.51 -45.27
N VAL A 327 -9.09 36.14 -44.68
CA VAL A 327 -8.87 37.58 -44.86
C VAL A 327 -8.43 37.90 -46.29
N ASN A 328 -7.50 37.10 -46.81
CA ASN A 328 -6.98 37.26 -48.18
C ASN A 328 -8.05 36.98 -49.20
N LEU A 329 -8.98 36.11 -48.86
CA LEU A 329 -10.11 35.84 -49.75
C LEU A 329 -11.03 37.04 -49.78
N LYS A 330 -11.35 37.58 -48.61
CA LYS A 330 -12.15 38.80 -48.54
C LYS A 330 -11.49 39.97 -49.27
N GLU A 331 -10.16 40.04 -49.22
CA GLU A 331 -9.44 41.11 -49.92
C GLU A 331 -9.57 40.98 -51.44
N LYS A 332 -9.32 39.77 -51.97
CA LYS A 332 -9.55 39.48 -53.40
C LYS A 332 -11.00 39.60 -53.79
N ILE A 333 -11.94 39.30 -52.88
CA ILE A 333 -13.36 39.51 -53.16
C ILE A 333 -13.65 41.01 -53.29
N LYS A 334 -13.32 41.77 -52.27
CA LYS A 334 -13.44 43.24 -52.31
C LYS A 334 -13.13 43.83 -53.68
N GLU A 335 -11.90 43.64 -54.16
CA GLU A 335 -11.49 44.25 -55.41
C GLU A 335 -12.32 43.71 -56.58
N LEU A 336 -12.59 42.41 -56.56
CA LEU A 336 -13.28 41.73 -57.64
C LEU A 336 -14.74 42.18 -57.76
N HIS A 337 -15.28 42.73 -56.68
CA HIS A 337 -16.60 43.35 -56.71
C HIS A 337 -16.53 44.61 -57.52
N GLN A 338 -15.61 45.49 -57.13
CA GLN A 338 -15.39 46.76 -57.82
C GLN A 338 -15.24 46.53 -59.30
N GLN A 339 -14.36 45.61 -59.66
CA GLN A 339 -14.16 45.25 -61.06
C GLN A 339 -15.50 44.91 -61.73
N TYR A 340 -16.27 44.03 -61.11
CA TYR A 340 -17.58 43.67 -61.63
C TYR A 340 -18.51 44.86 -61.66
N LYS A 341 -18.45 45.70 -60.65
CA LYS A 341 -19.28 46.92 -60.61
C LYS A 341 -18.99 47.84 -61.80
N GLU A 342 -17.70 48.15 -61.99
CA GLU A 342 -17.23 48.98 -63.09
C GLU A 342 -17.65 48.41 -64.43
N ALA A 343 -17.53 47.11 -64.57
CA ALA A 343 -17.81 46.47 -65.82
C ALA A 343 -19.28 46.48 -66.17
N SER A 344 -20.15 46.40 -65.18
CA SER A 344 -21.59 46.41 -65.44
C SER A 344 -22.13 47.84 -65.60
N GLU A 345 -21.31 48.83 -65.26
CA GLU A 345 -21.64 50.25 -65.54
C GLU A 345 -21.47 50.64 -67.01
N VAL A 346 -20.73 49.86 -67.79
CA VAL A 346 -20.68 50.07 -69.22
C VAL A 346 -22.07 49.77 -69.75
N LYS A 347 -22.87 50.80 -69.97
CA LYS A 347 -24.28 50.62 -70.30
C LYS A 347 -24.43 49.91 -71.64
N PRO A 348 -25.37 48.96 -71.70
CA PRO A 348 -25.63 48.24 -72.92
C PRO A 348 -26.31 49.16 -73.91
N PRO A 349 -26.42 48.73 -75.18
CA PRO A 349 -26.05 47.42 -75.70
C PRO A 349 -24.53 47.40 -75.82
N ARG A 350 -23.91 46.22 -75.73
CA ARG A 350 -22.44 46.21 -75.72
C ARG A 350 -21.80 45.15 -76.58
N ASP A 351 -20.52 45.34 -76.85
CA ASP A 351 -19.79 44.39 -77.65
C ASP A 351 -19.54 43.20 -76.74
N ILE A 352 -19.30 42.06 -77.35
CA ILE A 352 -19.38 40.80 -76.64
C ILE A 352 -18.22 40.57 -75.65
N THR A 353 -17.07 41.19 -75.90
CA THR A 353 -15.99 41.12 -74.92
C THR A 353 -16.38 41.83 -73.63
N ALA A 354 -17.09 42.94 -73.74
CA ALA A 354 -17.56 43.64 -72.55
C ALA A 354 -18.65 42.87 -71.84
N GLU A 355 -19.45 42.12 -72.58
CA GLU A 355 -20.48 41.27 -71.98
C GLU A 355 -19.80 40.13 -71.25
N PHE A 356 -18.81 39.52 -71.89
CA PHE A 356 -18.04 38.45 -71.29
C PHE A 356 -17.40 38.87 -70.01
N LEU A 357 -16.84 40.07 -70.03
CA LEU A 357 -16.14 40.57 -68.87
C LEU A 357 -17.08 40.72 -67.69
N VAL A 358 -18.32 41.11 -67.93
CA VAL A 358 -19.29 41.14 -66.82
C VAL A 358 -19.53 39.71 -66.33
N LYS A 359 -20.01 38.85 -67.22
CA LYS A 359 -20.31 37.47 -66.88
C LYS A 359 -19.17 36.78 -66.16
N SER A 360 -17.96 36.93 -66.67
CA SER A 360 -16.84 36.20 -66.14
C SER A 360 -16.53 36.70 -64.73
N LYS A 361 -16.50 38.01 -64.54
CA LYS A 361 -16.25 38.58 -63.21
C LYS A 361 -17.33 38.13 -62.25
N HIS A 362 -18.55 38.04 -62.74
CA HIS A 362 -19.68 37.66 -61.90
C HIS A 362 -19.46 36.27 -61.37
N ARG A 363 -19.10 35.36 -62.25
CA ARG A 363 -18.89 33.98 -61.84
C ARG A 363 -17.62 33.85 -60.98
N ASP A 364 -16.50 34.44 -61.43
CA ASP A 364 -15.26 34.47 -60.64
C ASP A 364 -15.53 34.95 -59.22
N LEU A 365 -16.50 35.84 -59.05
CA LEU A 365 -16.85 36.36 -57.74
C LEU A 365 -17.68 35.36 -56.93
N THR A 366 -18.68 34.73 -57.54
CA THR A 366 -19.47 33.74 -56.81
C THR A 366 -18.60 32.54 -56.47
N ALA A 367 -17.65 32.21 -57.35
CA ALA A 367 -16.67 31.18 -57.04
C ALA A 367 -15.91 31.46 -55.73
N LEU A 368 -15.50 32.70 -55.51
CA LEU A 368 -14.79 33.03 -54.28
C LEU A 368 -15.73 33.06 -53.08
N CYS A 369 -16.93 33.59 -53.27
CA CYS A 369 -17.92 33.57 -52.19
C CYS A 369 -18.21 32.13 -51.74
N LYS A 370 -18.36 31.23 -52.70
CA LYS A 370 -18.45 29.81 -52.40
C LYS A 370 -17.28 29.37 -51.47
N GLU A 371 -16.03 29.51 -51.91
CA GLU A 371 -14.86 29.16 -51.08
C GLU A 371 -14.99 29.73 -49.67
N TYR A 372 -15.20 31.03 -49.58
CA TYR A 372 -15.27 31.74 -48.29
C TYR A 372 -16.36 31.22 -47.38
N ASP A 373 -17.50 30.85 -47.93
CA ASP A 373 -18.60 30.35 -47.12
C ASP A 373 -18.29 28.94 -46.53
N GLU A 374 -17.52 28.15 -47.28
CA GLU A 374 -17.04 26.86 -46.78
C GLU A 374 -16.01 27.03 -45.65
N LEU A 375 -15.14 28.03 -45.77
CA LEU A 375 -14.19 28.33 -44.70
C LEU A 375 -14.87 28.91 -43.46
N ALA A 376 -16.02 29.57 -43.64
CA ALA A 376 -16.80 30.08 -42.50
C ALA A 376 -17.44 28.93 -41.75
N GLU A 377 -17.82 27.90 -42.50
CA GLU A 377 -18.28 26.65 -41.93
C GLU A 377 -17.15 26.00 -41.13
N THR A 378 -16.07 25.61 -41.83
CA THR A 378 -14.86 25.06 -41.20
C THR A 378 -14.42 25.85 -39.95
N GLN A 379 -14.56 27.17 -39.99
CA GLN A 379 -14.26 27.97 -38.82
C GLN A 379 -15.23 27.69 -37.68
N GLY A 380 -16.52 27.65 -38.00
CA GLY A 380 -17.56 27.39 -37.00
C GLY A 380 -17.25 26.17 -36.13
N LYS A 381 -16.87 25.07 -36.80
CA LYS A 381 -16.45 23.83 -36.14
C LYS A 381 -15.28 24.01 -35.16
N LEU A 382 -14.25 24.72 -35.61
CA LEU A 382 -13.05 24.89 -34.82
C LEU A 382 -13.28 25.84 -33.65
N GLU A 383 -14.20 26.77 -33.80
CA GLU A 383 -14.52 27.67 -32.70
C GLU A 383 -15.29 26.93 -31.58
N GLU A 384 -16.00 25.87 -31.96
CA GLU A 384 -16.72 25.03 -30.98
C GLU A 384 -15.77 23.99 -30.38
N LYS A 385 -14.93 23.40 -31.22
CA LYS A 385 -13.95 22.41 -30.75
C LYS A 385 -13.10 22.99 -29.62
N LEU A 386 -12.95 24.31 -29.58
CA LEU A 386 -12.29 25.00 -28.47
C LEU A 386 -13.21 25.29 -27.28
N GLN A 387 -14.51 25.24 -27.49
CA GLN A 387 -15.46 25.27 -26.38
C GLN A 387 -15.29 23.96 -25.62
N GLU A 388 -15.34 22.86 -26.36
CA GLU A 388 -15.13 21.54 -25.81
C GLU A 388 -13.84 21.49 -24.99
N LEU A 389 -12.70 21.76 -25.62
CA LEU A 389 -11.41 21.58 -24.96
C LEU A 389 -11.21 22.54 -23.79
N GLU A 390 -11.73 23.75 -23.88
CA GLU A 390 -11.72 24.64 -22.73
C GLU A 390 -12.60 24.11 -21.60
N ALA A 391 -13.68 23.42 -21.96
CA ALA A 391 -14.66 22.93 -20.97
C ALA A 391 -14.20 21.71 -20.16
N ASN A 392 -13.53 20.76 -20.79
CA ASN A 392 -13.07 19.54 -20.10
C ASN A 392 -11.53 19.49 -19.89
N PRO A 393 -11.02 20.23 -18.90
CA PRO A 393 -9.59 20.15 -18.61
C PRO A 393 -9.23 19.01 -17.67
N PRO A 394 -8.21 18.19 -18.01
CA PRO A 394 -7.61 17.30 -17.03
C PRO A 394 -7.33 17.94 -15.66
N SER A 395 -7.21 17.08 -14.64
CA SER A 395 -7.15 17.54 -13.25
C SER A 395 -6.00 18.50 -13.04
N ASP A 396 -6.25 19.53 -12.24
CA ASP A 396 -5.25 20.52 -11.90
C ASP A 396 -4.02 19.90 -11.18
N VAL A 397 -4.31 18.99 -10.24
CA VAL A 397 -3.32 18.45 -9.28
C VAL A 397 -3.47 16.94 -9.09
N TYR A 398 -2.44 16.31 -8.52
CA TYR A 398 -2.58 14.93 -8.03
C TYR A 398 -3.25 14.97 -6.66
N LEU A 399 -2.68 15.74 -5.75
CA LEU A 399 -3.24 15.90 -4.41
C LEU A 399 -3.08 17.32 -3.88
N SER A 400 -4.17 17.89 -3.40
CA SER A 400 -4.12 19.14 -2.64
C SER A 400 -3.25 19.00 -1.40
N SER A 401 -2.97 20.11 -0.73
CA SER A 401 -2.33 20.07 0.60
C SER A 401 -3.19 19.29 1.59
N ARG A 402 -4.47 19.65 1.68
CA ARG A 402 -5.42 18.90 2.50
C ARG A 402 -5.37 17.41 2.19
N ASP A 403 -5.45 17.05 0.91
CA ASP A 403 -5.42 15.65 0.52
C ASP A 403 -4.18 14.97 1.08
N ARG A 404 -3.00 15.52 0.78
CA ARG A 404 -1.72 14.97 1.22
C ARG A 404 -1.55 14.89 2.77
N GLN A 405 -2.18 15.78 3.53
CA GLN A 405 -2.15 15.69 5.01
C GLN A 405 -2.98 14.54 5.51
N ILE A 406 -4.12 14.30 4.85
CA ILE A 406 -5.00 13.22 5.20
C ILE A 406 -4.36 11.91 4.76
N LEU A 407 -3.75 11.91 3.58
CA LEU A 407 -2.96 10.76 3.13
C LEU A 407 -1.84 10.46 4.13
N ASP A 408 -1.21 11.50 4.66
CA ASP A 408 -0.19 11.31 5.67
C ASP A 408 -0.74 10.58 6.89
N TRP A 409 -2.00 10.79 7.21
CA TRP A 409 -2.59 10.04 8.32
C TRP A 409 -2.58 8.56 8.01
N HIS A 410 -3.10 8.19 6.85
CA HIS A 410 -3.16 6.78 6.49
C HIS A 410 -1.79 6.14 6.48
N PHE A 411 -0.76 6.92 6.15
CA PHE A 411 0.60 6.45 6.29
C PHE A 411 0.99 6.33 7.75
N ALA A 412 0.63 7.31 8.58
CA ALA A 412 0.97 7.20 10.00
C ALA A 412 0.41 5.90 10.54
N ASN A 413 -0.83 5.61 10.16
CA ASN A 413 -1.47 4.39 10.58
C ASN A 413 -0.67 3.13 10.23
N LEU A 414 -0.03 3.11 9.08
CA LEU A 414 0.86 2.02 8.67
C LEU A 414 2.11 2.00 9.55
N GLU A 415 2.59 3.18 9.92
CA GLU A 415 3.75 3.30 10.79
C GLU A 415 3.36 2.90 12.20
N PHE A 416 2.09 3.07 12.52
CA PHE A 416 1.56 2.55 13.76
C PHE A 416 1.58 1.02 13.77
N ALA A 417 0.88 0.41 12.83
CA ALA A 417 0.83 -1.05 12.72
C ALA A 417 2.20 -1.71 12.84
N ASN A 418 3.18 -1.20 12.08
CA ASN A 418 4.50 -1.80 12.01
C ASN A 418 5.51 -1.17 12.94
N ALA A 419 5.04 -0.20 13.73
CA ALA A 419 5.87 0.47 14.72
C ALA A 419 7.21 0.93 14.16
N THR A 420 7.23 1.47 12.95
CA THR A 420 8.46 2.03 12.41
C THR A 420 8.13 2.95 11.25
N PRO A 421 9.00 3.92 11.00
CA PRO A 421 8.91 4.73 9.82
C PRO A 421 8.96 3.91 8.54
N LEU A 422 8.11 4.22 7.58
CA LEU A 422 8.09 3.49 6.32
C LEU A 422 9.44 3.60 5.62
N SER A 423 10.25 4.57 6.07
CA SER A 423 11.60 4.77 5.59
C SER A 423 12.41 3.52 5.72
N THR A 424 12.07 2.73 6.74
CA THR A 424 12.90 1.61 7.20
C THR A 424 12.42 0.23 6.83
N LEU A 425 11.17 0.11 6.39
CA LEU A 425 10.61 -1.21 6.08
C LEU A 425 11.13 -1.75 4.78
N SER A 426 11.38 -3.04 4.71
CA SER A 426 11.72 -3.66 3.41
C SER A 426 10.56 -3.53 2.45
N LEU A 427 10.83 -2.99 1.26
CA LEU A 427 9.82 -2.99 0.23
C LEU A 427 9.42 -4.42 -0.09
N LYS A 428 10.39 -5.29 -0.35
CA LYS A 428 10.06 -6.65 -0.75
C LYS A 428 9.34 -7.48 0.34
N HIS A 429 9.76 -7.32 1.59
CA HIS A 429 9.39 -8.28 2.62
C HIS A 429 8.50 -7.79 3.76
N TRP A 430 8.22 -6.51 3.85
CA TRP A 430 7.51 -5.99 5.04
C TRP A 430 6.20 -6.71 5.33
N ASP A 431 5.53 -7.22 4.31
CA ASP A 431 4.22 -7.81 4.51
C ASP A 431 4.26 -9.34 4.35
N GLN A 432 5.43 -9.95 4.41
CA GLN A 432 5.56 -11.41 4.27
C GLN A 432 4.65 -12.28 5.18
N ASP A 433 4.37 -11.80 6.39
CA ASP A 433 3.48 -12.49 7.32
C ASP A 433 1.97 -12.35 6.98
N ASP A 434 1.64 -11.75 5.84
CA ASP A 434 0.23 -11.45 5.53
C ASP A 434 -0.57 -12.68 5.12
N ASP A 435 0.13 -13.76 4.75
CA ASP A 435 -0.55 -14.99 4.39
C ASP A 435 -1.06 -15.74 5.59
N PHE A 436 -0.48 -15.49 6.75
CA PHE A 436 -0.79 -16.26 7.94
C PHE A 436 -1.73 -15.51 8.85
N GLU A 437 -2.27 -14.41 8.33
CA GLU A 437 -3.38 -13.68 8.94
C GLU A 437 -4.42 -14.64 9.50
N PHE A 438 -4.92 -14.38 10.70
CA PHE A 438 -6.03 -15.16 11.21
C PHE A 438 -7.35 -14.67 10.60
N THR A 439 -8.39 -15.48 10.74
CA THR A 439 -9.74 -15.07 10.36
C THR A 439 -10.49 -14.55 11.59
N GLY A 440 -11.62 -13.92 11.32
CA GLY A 440 -12.45 -13.34 12.38
C GLY A 440 -12.02 -11.92 12.68
N SER A 441 -12.83 -11.21 13.44
CA SER A 441 -12.54 -9.82 13.69
C SER A 441 -11.55 -9.71 14.83
N HIS A 442 -10.93 -8.55 14.92
CA HIS A 442 -9.98 -8.23 15.99
C HIS A 442 -10.73 -7.85 17.25
N LEU A 443 -10.22 -8.28 18.40
CA LEU A 443 -10.89 -8.06 19.66
C LEU A 443 -9.92 -7.48 20.63
N THR A 444 -10.38 -6.62 21.53
CA THR A 444 -9.52 -6.15 22.60
C THR A 444 -9.73 -7.02 23.83
N VAL A 445 -8.73 -7.02 24.70
CA VAL A 445 -8.85 -7.67 25.99
C VAL A 445 -9.26 -6.59 26.94
N ARG A 446 -10.53 -6.63 27.36
CA ARG A 446 -11.19 -5.54 28.06
C ARG A 446 -10.72 -5.40 29.51
N ASN A 447 -10.47 -6.54 30.15
CA ASN A 447 -10.01 -6.59 31.55
C ASN A 447 -8.50 -6.41 31.72
N GLY A 448 -7.78 -6.21 30.62
CA GLY A 448 -6.33 -6.04 30.67
C GLY A 448 -5.61 -7.34 30.35
N TYR A 449 -4.77 -7.32 29.32
CA TYR A 449 -4.04 -8.49 28.84
C TYR A 449 -3.18 -9.16 29.93
N SER A 450 -2.68 -8.38 30.90
CA SER A 450 -1.83 -8.93 31.94
C SER A 450 -2.44 -10.21 32.55
N CYS A 451 -3.76 -10.31 32.53
CA CYS A 451 -4.43 -11.54 32.97
C CYS A 451 -3.82 -12.83 32.40
N VAL A 452 -3.26 -12.78 31.20
CA VAL A 452 -2.72 -14.00 30.55
C VAL A 452 -1.35 -14.44 31.03
N PRO A 453 -0.33 -13.60 30.91
CA PRO A 453 0.93 -14.03 31.48
C PRO A 453 0.81 -14.43 32.93
N VAL A 454 0.06 -13.67 33.72
CA VAL A 454 -0.09 -13.98 35.12
C VAL A 454 -0.59 -15.41 35.25
N ALA A 455 -1.73 -15.70 34.64
CA ALA A 455 -2.28 -17.04 34.61
C ALA A 455 -1.26 -18.13 34.28
N LEU A 456 -0.33 -17.85 33.38
CA LEU A 456 0.70 -18.83 32.98
C LEU A 456 1.74 -19.05 34.07
N ALA A 457 2.06 -17.99 34.80
CA ALA A 457 3.02 -18.06 35.90
C ALA A 457 2.53 -18.82 37.17
N GLU A 458 1.35 -19.47 37.11
CA GLU A 458 0.90 -20.26 38.25
C GLU A 458 1.66 -21.56 38.31
N GLY A 459 2.47 -21.68 39.35
CA GLY A 459 3.17 -22.92 39.63
C GLY A 459 4.53 -22.97 38.98
N LEU A 460 5.18 -21.81 38.88
CA LEU A 460 6.41 -21.68 38.12
C LEU A 460 7.45 -20.96 38.94
N ASP A 461 8.70 -21.36 38.78
CA ASP A 461 9.78 -20.85 39.62
C ASP A 461 10.34 -19.55 39.08
N ILE A 462 9.71 -18.45 39.40
CA ILE A 462 10.11 -17.21 38.78
C ILE A 462 10.86 -16.31 39.74
N LYS A 463 12.08 -15.92 39.39
CA LYS A 463 12.85 -15.02 40.22
C LYS A 463 12.71 -13.64 39.64
N LEU A 464 11.85 -12.82 40.21
CA LEU A 464 11.67 -11.43 39.71
C LEU A 464 12.80 -10.57 40.22
N ASN A 465 12.96 -9.40 39.64
CA ASN A 465 14.06 -8.52 40.00
C ASN A 465 15.46 -9.12 39.86
N THR A 466 15.61 -10.02 38.90
CA THR A 466 16.85 -10.71 38.63
C THR A 466 17.29 -10.44 37.18
N ALA A 467 18.23 -9.51 37.01
CA ALA A 467 18.72 -9.12 35.69
C ALA A 467 19.95 -9.91 35.24
N VAL A 468 19.83 -10.66 34.16
CA VAL A 468 20.95 -11.38 33.61
C VAL A 468 21.99 -10.44 33.01
N ARG A 469 23.25 -10.68 33.33
CA ARG A 469 24.37 -9.88 32.83
C ARG A 469 25.34 -10.68 31.97
N GLN A 470 25.29 -12.00 32.03
CA GLN A 470 26.24 -12.80 31.29
C GLN A 470 25.76 -14.22 31.16
N VAL A 471 25.94 -14.79 29.97
CA VAL A 471 25.53 -16.16 29.73
C VAL A 471 26.73 -16.94 29.28
N ARG A 472 27.04 -18.02 30.00
CA ARG A 472 28.17 -18.85 29.71
C ARG A 472 27.68 -20.20 29.28
N TYR A 473 28.17 -20.69 28.16
CA TYR A 473 27.76 -21.99 27.67
C TYR A 473 29.01 -22.73 27.18
N THR A 474 29.09 -24.00 27.55
CA THR A 474 30.21 -24.85 27.17
C THR A 474 29.70 -26.25 27.03
N ALA A 475 30.48 -27.11 26.41
CA ALA A 475 30.04 -28.48 26.13
C ALA A 475 29.54 -29.25 27.37
N SER A 476 30.04 -28.87 28.53
CA SER A 476 29.66 -29.47 29.80
C SER A 476 28.30 -29.00 30.30
N GLY A 477 27.98 -27.74 30.03
CA GLY A 477 26.76 -27.08 30.52
C GLY A 477 26.92 -25.56 30.59
N CYS A 478 25.98 -24.89 31.28
CA CYS A 478 25.89 -23.43 31.24
C CYS A 478 25.87 -22.78 32.61
N GLU A 479 26.51 -21.62 32.72
CA GLU A 479 26.39 -20.76 33.90
C GLU A 479 25.71 -19.49 33.48
N VAL A 480 24.63 -19.12 34.15
CA VAL A 480 24.06 -17.79 33.94
C VAL A 480 24.34 -16.92 35.13
N ILE A 481 24.81 -15.72 34.87
CA ILE A 481 25.13 -14.79 35.93
C ILE A 481 24.22 -13.59 35.91
N ALA A 482 23.40 -13.46 36.94
CA ALA A 482 22.50 -12.32 37.07
C ALA A 482 22.85 -11.51 38.31
N VAL A 483 22.09 -10.43 38.53
CA VAL A 483 22.23 -9.63 39.74
C VAL A 483 20.87 -9.19 40.26
N ASN A 484 20.88 -8.49 41.40
CA ASN A 484 19.68 -7.84 41.91
C ASN A 484 19.48 -6.43 41.35
N THR A 485 18.34 -6.22 40.71
CA THR A 485 18.02 -4.93 40.10
C THR A 485 18.07 -3.80 41.11
N ARG A 486 17.70 -4.13 42.34
CA ARG A 486 17.57 -3.15 43.41
C ARG A 486 18.95 -2.73 43.92
N SER A 487 19.76 -3.69 44.38
CA SER A 487 21.18 -3.47 44.71
C SER A 487 22.03 -4.26 43.72
N THR A 488 22.61 -3.57 42.74
CA THR A 488 23.32 -4.24 41.63
C THR A 488 24.34 -5.30 42.12
N SER A 489 24.95 -5.06 43.27
CA SER A 489 26.03 -5.92 43.77
C SER A 489 25.64 -7.35 44.17
N GLN A 490 24.45 -7.53 44.73
CA GLN A 490 23.99 -8.87 45.17
C GLN A 490 23.91 -9.88 43.99
N THR A 491 24.99 -10.63 43.79
CA THR A 491 25.21 -11.45 42.57
C THR A 491 24.76 -12.91 42.68
N PHE A 492 24.12 -13.42 41.62
CA PHE A 492 23.62 -14.79 41.58
C PHE A 492 24.29 -15.60 40.47
N ILE A 493 24.43 -16.91 40.68
CA ILE A 493 24.96 -17.80 39.67
C ILE A 493 24.02 -18.97 39.49
N TYR A 494 23.74 -19.32 38.25
CA TYR A 494 22.83 -20.40 37.97
C TYR A 494 23.48 -21.37 37.03
N LYS A 495 23.38 -22.66 37.33
CA LYS A 495 23.97 -23.67 36.47
C LYS A 495 22.87 -24.53 35.89
N CYS A 496 23.02 -24.92 34.63
CA CYS A 496 21.97 -25.66 33.96
C CYS A 496 22.48 -26.38 32.74
N ASP A 497 21.73 -27.39 32.34
CA ASP A 497 21.98 -28.08 31.10
C ASP A 497 21.73 -27.15 29.89
N ALA A 498 20.73 -26.28 29.98
CA ALA A 498 20.43 -25.43 28.84
C ALA A 498 19.86 -24.10 29.28
N VAL A 499 20.10 -23.08 28.47
CA VAL A 499 19.51 -21.77 28.65
C VAL A 499 18.55 -21.49 27.49
N LEU A 500 17.42 -20.90 27.80
CA LEU A 500 16.52 -20.43 26.78
C LEU A 500 16.42 -18.94 26.92
N CYS A 501 16.83 -18.24 25.86
CA CYS A 501 16.88 -16.81 25.85
C CYS A 501 15.59 -16.23 25.26
N THR A 502 14.80 -15.49 26.03
CA THR A 502 13.70 -14.73 25.45
C THR A 502 13.95 -13.21 25.48
N LEU A 503 15.19 -12.83 25.75
CA LEU A 503 15.57 -11.43 25.67
C LEU A 503 15.04 -10.82 24.39
N PRO A 504 14.36 -9.69 24.49
CA PRO A 504 13.87 -8.93 23.37
C PRO A 504 14.97 -8.58 22.42
N LEU A 505 14.59 -8.34 21.18
CA LEU A 505 15.54 -8.05 20.12
C LEU A 505 16.25 -6.76 20.39
N GLY A 506 15.52 -5.79 20.90
CA GLY A 506 16.11 -4.48 21.21
C GLY A 506 17.23 -4.58 22.22
N VAL A 507 17.10 -5.55 23.12
CA VAL A 507 18.12 -5.84 24.09
C VAL A 507 19.31 -6.51 23.41
N LEU A 508 19.02 -7.53 22.60
CA LEU A 508 20.08 -8.23 21.88
C LEU A 508 20.88 -7.27 21.03
N LYS A 509 20.27 -6.19 20.57
CA LYS A 509 20.97 -5.25 19.70
C LYS A 509 21.79 -4.26 20.48
N GLN A 510 21.62 -4.24 21.80
CA GLN A 510 22.11 -3.12 22.59
C GLN A 510 23.62 -3.09 22.54
N GLN A 511 24.15 -1.89 22.32
CA GLN A 511 25.59 -1.66 22.23
C GLN A 511 25.94 -0.43 23.10
N PRO A 512 26.88 -0.60 24.04
CA PRO A 512 27.54 -1.87 24.34
C PRO A 512 26.55 -2.80 25.02
N PRO A 513 26.86 -4.09 25.03
CA PRO A 513 25.94 -5.14 25.46
C PRO A 513 25.38 -4.93 26.84
N ALA A 514 24.11 -5.26 27.02
CA ALA A 514 23.53 -5.41 28.34
C ALA A 514 23.75 -6.82 28.84
N VAL A 515 23.97 -7.74 27.90
CA VAL A 515 24.26 -9.13 28.22
C VAL A 515 25.42 -9.65 27.40
N GLN A 516 26.36 -10.27 28.10
CA GLN A 516 27.54 -10.82 27.50
C GLN A 516 27.31 -12.29 27.24
N PHE A 517 27.68 -12.73 26.05
CA PHE A 517 27.74 -14.15 25.82
C PHE A 517 29.19 -14.67 25.86
N VAL A 518 29.30 -15.84 26.46
CA VAL A 518 30.59 -16.44 26.68
C VAL A 518 30.52 -17.92 26.30
N PRO A 519 31.05 -18.23 25.13
CA PRO A 519 31.76 -17.35 24.19
C PRO A 519 30.83 -16.46 23.39
N PRO A 520 31.37 -15.45 22.72
CA PRO A 520 30.44 -14.57 22.01
C PRO A 520 29.61 -15.34 21.00
N LEU A 521 28.51 -14.74 20.60
CA LEU A 521 27.66 -15.34 19.60
C LEU A 521 28.31 -15.29 18.22
N PRO A 522 28.18 -16.38 17.45
CA PRO A 522 28.72 -16.44 16.09
C PRO A 522 28.22 -15.32 15.24
N GLU A 523 29.02 -14.92 14.25
CA GLU A 523 28.68 -13.78 13.43
C GLU A 523 27.32 -14.02 12.77
N TRP A 524 27.04 -15.24 12.35
CA TRP A 524 25.77 -15.48 11.67
C TRP A 524 24.55 -15.09 12.49
N LYS A 525 24.63 -15.24 13.80
CA LYS A 525 23.60 -14.74 14.71
C LYS A 525 23.66 -13.22 14.86
N THR A 526 24.82 -12.70 15.21
CA THR A 526 24.97 -11.25 15.44
C THR A 526 24.68 -10.38 14.21
N SER A 527 25.06 -10.84 13.02
CA SER A 527 24.68 -10.16 11.77
C SER A 527 23.16 -10.12 11.58
N ALA A 528 22.48 -11.19 11.96
CA ALA A 528 21.05 -11.26 11.82
C ALA A 528 20.44 -10.31 12.78
N VAL A 529 20.97 -10.25 13.99
CA VAL A 529 20.48 -9.28 14.96
C VAL A 529 20.64 -7.85 14.45
N GLN A 530 21.76 -7.55 13.81
CA GLN A 530 21.93 -6.21 13.24
C GLN A 530 20.90 -5.93 12.15
N ARG A 531 20.65 -6.88 11.27
CA ARG A 531 19.81 -6.61 10.11
C ARG A 531 18.36 -6.43 10.49
N MET A 532 17.87 -7.26 11.40
CA MET A 532 16.46 -7.21 11.85
C MET A 532 16.10 -5.83 12.31
N GLY A 533 14.82 -5.51 12.28
CA GLY A 533 14.36 -4.18 12.68
C GLY A 533 13.72 -4.26 14.04
N PHE A 534 13.92 -3.24 14.86
CA PHE A 534 13.19 -3.22 16.12
C PHE A 534 12.56 -1.86 16.36
N GLY A 535 11.25 -1.82 16.16
CA GLY A 535 10.56 -0.57 16.06
C GLY A 535 10.14 -0.08 17.41
N ASN A 536 9.16 0.80 17.40
CA ASN A 536 8.72 1.53 18.58
C ASN A 536 7.34 2.12 18.31
N LEU A 537 6.53 2.19 19.36
CA LEU A 537 5.25 2.86 19.31
C LEU A 537 4.71 3.00 20.71
N ASN A 538 4.29 4.20 21.08
CA ASN A 538 3.92 4.50 22.46
C ASN A 538 2.44 4.77 22.64
N LYS A 539 1.96 4.61 23.88
CA LYS A 539 0.56 4.86 24.22
C LYS A 539 0.49 5.88 25.35
N VAL A 540 -0.49 6.79 25.24
CA VAL A 540 -0.84 7.73 26.30
C VAL A 540 -2.23 7.39 26.79
N VAL A 541 -2.36 7.26 28.10
CA VAL A 541 -3.58 6.82 28.73
C VAL A 541 -4.17 8.00 29.48
N LEU A 542 -5.41 8.31 29.13
CA LEU A 542 -6.14 9.44 29.71
C LEU A 542 -7.33 8.91 30.50
N CYS A 543 -7.31 9.17 31.80
CA CYS A 543 -8.36 8.72 32.70
C CYS A 543 -9.24 9.88 33.18
N PHE A 544 -10.53 9.70 33.00
CA PHE A 544 -11.48 10.77 33.20
C PHE A 544 -12.56 10.37 34.19
N ASP A 545 -13.40 11.34 34.53
CA ASP A 545 -14.57 11.12 35.41
C ASP A 545 -15.89 11.03 34.63
N ARG A 546 -15.86 11.28 33.32
CA ARG A 546 -17.06 11.26 32.50
C ARG A 546 -16.78 11.14 31.02
N VAL A 547 -17.58 10.31 30.37
CA VAL A 547 -17.49 10.07 28.93
C VAL A 547 -17.95 11.30 28.12
N PHE A 548 -17.00 12.10 27.63
CA PHE A 548 -17.32 13.27 26.83
C PHE A 548 -17.05 13.07 25.32
N TRP A 549 -17.28 11.86 24.84
CA TRP A 549 -17.09 11.55 23.43
C TRP A 549 -18.24 10.66 23.07
N ASP A 550 -18.43 10.42 21.78
CA ASP A 550 -19.47 9.49 21.36
C ASP A 550 -19.06 8.09 21.81
N PRO A 551 -19.83 7.49 22.73
CA PRO A 551 -19.63 6.11 23.12
C PRO A 551 -19.82 5.13 22.00
N SER A 552 -20.59 5.50 20.99
CA SER A 552 -20.85 4.63 19.86
C SER A 552 -19.59 4.36 19.04
N VAL A 553 -18.62 5.28 19.13
CA VAL A 553 -17.41 5.22 18.34
C VAL A 553 -16.18 4.83 19.20
N ASN A 554 -15.59 3.68 18.87
CA ASN A 554 -14.45 3.11 19.61
C ASN A 554 -13.15 3.88 19.39
N LEU A 555 -12.98 4.36 18.16
CA LEU A 555 -11.73 4.94 17.74
C LEU A 555 -11.93 6.03 16.71
N PHE A 556 -11.04 7.01 16.71
CA PHE A 556 -11.21 8.20 15.90
C PHE A 556 -9.90 8.94 15.76
N GLY A 557 -9.64 9.45 14.57
CA GLY A 557 -8.32 9.96 14.22
C GLY A 557 -8.16 11.46 14.40
N HIS A 558 -6.91 11.90 14.33
CA HIS A 558 -6.55 13.31 14.27
C HIS A 558 -5.52 13.45 13.20
N VAL A 559 -5.58 14.53 12.44
CA VAL A 559 -4.73 14.67 11.27
C VAL A 559 -3.68 15.74 11.50
N GLY A 560 -2.43 15.31 11.59
CA GLY A 560 -1.33 16.24 11.84
C GLY A 560 -1.10 17.14 10.66
N SER A 561 -0.69 18.37 10.96
CA SER A 561 -0.44 19.40 9.95
C SER A 561 0.83 19.14 9.09
N THR A 562 1.69 18.23 9.54
CA THR A 562 2.93 17.97 8.83
C THR A 562 2.99 16.54 8.33
N THR A 563 3.94 16.29 7.43
CA THR A 563 4.40 14.94 7.13
C THR A 563 5.25 14.47 8.30
N ALA A 564 6.21 15.30 8.67
CA ALA A 564 7.11 15.04 9.79
C ALA A 564 6.39 14.87 11.12
N SER A 565 5.08 15.07 11.16
CA SER A 565 4.37 15.04 12.42
C SER A 565 3.13 14.16 12.41
N ARG A 566 2.98 13.36 11.38
CA ARG A 566 1.75 12.59 11.20
C ARG A 566 1.51 11.61 12.31
N GLY A 567 2.59 11.10 12.91
CA GLY A 567 2.49 10.09 13.95
C GLY A 567 2.02 10.62 15.29
N GLU A 568 2.33 11.88 15.56
CA GLU A 568 2.05 12.49 16.84
C GLU A 568 0.54 12.53 17.15
N LEU A 569 0.12 11.64 18.03
CA LEU A 569 -1.22 11.66 18.59
C LEU A 569 -2.30 11.58 17.52
N PHE A 570 -2.00 10.83 16.48
CA PHE A 570 -2.86 10.72 15.33
C PHE A 570 -4.07 9.82 15.52
N LEU A 571 -4.16 9.11 16.64
CA LEU A 571 -5.24 8.13 16.81
C LEU A 571 -5.65 8.00 18.27
N PHE A 572 -6.95 7.92 18.50
CA PHE A 572 -7.48 7.86 19.85
C PHE A 572 -8.43 6.67 19.98
N TRP A 573 -8.36 5.98 21.13
CA TRP A 573 -9.23 4.84 21.38
C TRP A 573 -9.99 5.02 22.68
N ASN A 574 -11.28 4.67 22.65
CA ASN A 574 -12.02 4.32 23.86
C ASN A 574 -12.46 2.90 23.59
N LEU A 575 -11.84 1.96 24.27
CA LEU A 575 -12.21 0.55 24.14
C LEU A 575 -12.58 -0.08 25.45
N TYR A 576 -12.41 0.68 26.53
CA TYR A 576 -12.51 0.14 27.87
C TYR A 576 -13.86 0.51 28.50
N LYS A 577 -14.14 -0.13 29.63
CA LYS A 577 -15.41 0.04 30.34
C LYS A 577 -15.49 1.43 30.92
N ALA A 578 -14.46 1.80 31.67
CA ALA A 578 -14.37 3.13 32.28
C ALA A 578 -14.25 4.26 31.23
N PRO A 579 -14.18 5.52 31.69
CA PRO A 579 -13.89 6.64 30.80
C PRO A 579 -12.40 6.81 30.54
N ILE A 580 -11.85 5.93 29.71
CA ILE A 580 -10.45 6.00 29.37
C ILE A 580 -10.29 6.20 27.87
N LEU A 581 -9.57 7.27 27.55
CA LEU A 581 -9.16 7.54 26.20
C LEU A 581 -7.67 7.30 26.05
N LEU A 582 -7.32 6.58 24.98
CA LEU A 582 -5.95 6.20 24.70
C LEU A 582 -5.51 6.93 23.44
N ALA A 583 -4.29 7.46 23.46
CA ALA A 583 -3.77 8.23 22.33
C ALA A 583 -2.45 7.65 21.90
N LEU A 584 -2.22 7.56 20.59
CA LEU A 584 -1.06 6.85 20.07
C LEU A 584 -0.02 7.74 19.46
N VAL A 585 1.24 7.45 19.75
CA VAL A 585 2.35 8.06 19.07
C VAL A 585 3.02 7.00 18.22
N ALA A 586 3.10 7.23 16.91
CA ALA A 586 3.66 6.25 15.97
C ALA A 586 4.73 6.92 15.16
N GLY A 587 5.29 6.17 14.22
CA GLY A 587 6.20 6.75 13.22
C GLY A 587 7.43 7.40 13.81
N GLU A 588 8.00 8.36 13.09
CA GLU A 588 9.21 9.03 13.53
C GLU A 588 8.94 9.80 14.83
N ALA A 589 7.66 10.12 15.04
CA ALA A 589 7.22 10.83 16.23
C ALA A 589 7.59 10.11 17.51
N ALA A 590 7.29 8.81 17.55
CA ALA A 590 7.40 8.03 18.78
C ALA A 590 8.72 8.23 19.49
N GLY A 591 9.81 8.08 18.75
CA GLY A 591 11.15 8.15 19.30
C GLY A 591 11.57 9.53 19.79
N ILE A 592 10.98 10.57 19.22
CA ILE A 592 11.26 11.96 19.61
C ILE A 592 10.46 12.36 20.84
N MET A 593 9.20 11.94 20.88
CA MET A 593 8.31 12.21 22.00
C MET A 593 8.76 11.56 23.31
N GLU A 594 9.67 10.61 23.22
CA GLU A 594 10.25 10.02 24.41
C GLU A 594 11.13 11.02 25.18
N ASN A 595 11.51 12.15 24.56
CA ASN A 595 12.20 13.24 25.27
C ASN A 595 11.28 14.40 25.65
N ILE A 596 10.06 14.10 26.06
CA ILE A 596 9.15 15.16 26.46
C ILE A 596 8.39 14.75 27.72
N SER A 597 8.22 15.72 28.63
CA SER A 597 7.47 15.53 29.88
C SER A 597 6.10 15.01 29.59
N ASP A 598 5.61 14.18 30.50
CA ASP A 598 4.28 13.64 30.36
C ASP A 598 3.30 14.80 30.36
N ASP A 599 3.50 15.71 31.30
CA ASP A 599 2.64 16.89 31.46
C ASP A 599 2.39 17.52 30.11
N VAL A 600 3.47 17.82 29.40
CA VAL A 600 3.40 18.42 28.08
C VAL A 600 2.61 17.57 27.11
N ILE A 601 2.91 16.28 27.10
CA ILE A 601 2.32 15.35 26.13
C ILE A 601 0.81 15.30 26.36
N VAL A 602 0.42 15.31 27.62
CA VAL A 602 -0.99 15.34 27.97
C VAL A 602 -1.59 16.70 27.58
N GLY A 603 -0.78 17.77 27.71
CA GLY A 603 -1.15 19.09 27.17
C GLY A 603 -1.56 19.01 25.72
N ARG A 604 -0.65 18.50 24.89
CA ARG A 604 -0.89 18.41 23.46
C ARG A 604 -2.10 17.57 23.14
N CYS A 605 -2.38 16.56 23.95
CA CYS A 605 -3.59 15.73 23.78
C CYS A 605 -4.83 16.56 24.06
N LEU A 606 -4.89 17.09 25.26
CA LEU A 606 -6.05 17.84 25.72
C LEU A 606 -6.42 18.87 24.66
N ALA A 607 -5.42 19.69 24.28
CA ALA A 607 -5.56 20.63 23.16
C ALA A 607 -6.31 19.97 22.00
N ILE A 608 -5.77 18.89 21.47
CA ILE A 608 -6.40 18.21 20.36
C ILE A 608 -7.88 17.97 20.63
N LEU A 609 -8.18 17.33 21.75
CA LEU A 609 -9.57 16.95 22.05
C LEU A 609 -10.48 18.16 22.31
N LYS A 610 -9.94 19.26 22.82
CA LYS A 610 -10.70 20.51 22.91
C LYS A 610 -11.16 20.87 21.51
N GLY A 611 -10.19 21.10 20.64
CA GLY A 611 -10.46 21.40 19.26
C GLY A 611 -11.51 20.50 18.67
N ILE A 612 -11.45 19.20 18.96
CA ILE A 612 -12.43 18.29 18.38
C ILE A 612 -13.76 18.36 19.12
N PHE A 613 -13.75 18.33 20.45
CA PHE A 613 -15.00 18.12 21.23
C PHE A 613 -15.57 19.37 21.95
N GLY A 614 -14.85 20.49 21.87
CA GLY A 614 -15.34 21.72 22.45
C GLY A 614 -14.60 22.07 23.72
N SER A 615 -13.87 23.19 23.65
CA SER A 615 -13.06 23.73 24.74
C SER A 615 -13.53 23.50 26.20
N SER A 616 -14.83 23.48 26.45
CA SER A 616 -15.33 23.27 27.82
C SER A 616 -15.75 21.82 28.12
N ALA A 617 -15.99 21.02 27.08
CA ALA A 617 -16.36 19.61 27.25
C ALA A 617 -15.20 18.68 27.71
N VAL A 618 -13.97 19.20 27.79
CA VAL A 618 -12.76 18.40 28.08
C VAL A 618 -12.27 18.57 29.52
N PRO A 619 -12.74 17.72 30.44
CA PRO A 619 -12.22 17.87 31.80
C PRO A 619 -10.77 17.47 31.84
N GLN A 620 -10.00 18.09 32.72
CA GLN A 620 -8.65 17.60 32.97
C GLN A 620 -8.72 16.13 33.42
N PRO A 621 -7.61 15.41 33.27
CA PRO A 621 -7.63 13.99 33.57
C PRO A 621 -7.23 13.68 35.01
N LYS A 622 -7.95 12.76 35.63
CA LYS A 622 -7.65 12.33 37.00
C LYS A 622 -6.31 11.62 37.05
N GLU A 623 -6.11 10.69 36.11
CA GLU A 623 -4.90 9.86 36.02
C GLU A 623 -4.36 9.77 34.59
N THR A 624 -3.04 9.95 34.46
CA THR A 624 -2.34 9.80 33.17
C THR A 624 -1.06 8.97 33.26
N VAL A 625 -0.86 8.13 32.23
CA VAL A 625 0.37 7.37 32.00
C VAL A 625 0.81 7.51 30.56
N VAL A 626 2.13 7.62 30.36
CA VAL A 626 2.74 7.65 29.03
C VAL A 626 3.77 6.53 28.90
N SER A 627 3.70 5.74 27.84
CA SER A 627 4.68 4.68 27.61
C SER A 627 5.97 5.21 26.98
N ARG A 628 7.09 4.60 27.32
CA ARG A 628 8.36 4.89 26.66
C ARG A 628 9.13 3.60 26.45
N TRP A 629 8.74 2.86 25.42
CA TRP A 629 9.27 1.54 25.19
C TRP A 629 10.72 1.52 24.72
N ARG A 630 11.12 2.49 23.92
CA ARG A 630 12.52 2.54 23.47
C ARG A 630 13.47 2.87 24.65
N ALA A 631 12.93 3.63 25.59
CA ALA A 631 13.67 3.99 26.79
C ALA A 631 13.80 2.80 27.72
N ASP A 632 12.73 2.02 27.79
CA ASP A 632 12.68 0.89 28.69
C ASP A 632 13.86 -0.04 28.45
N PRO A 633 14.69 -0.24 29.46
CA PRO A 633 15.85 -1.06 29.24
C PRO A 633 15.60 -2.56 29.18
N TRP A 634 14.40 -3.04 29.46
CA TRP A 634 14.13 -4.49 29.32
C TRP A 634 13.32 -4.80 28.05
N ALA A 635 13.52 -3.92 27.06
CA ALA A 635 12.69 -3.87 25.87
C ALA A 635 13.43 -3.12 24.78
N ARG A 636 13.86 -1.90 25.08
CA ARG A 636 14.62 -1.09 24.14
C ARG A 636 13.87 -0.94 22.83
N GLY A 637 12.54 -0.88 22.92
CA GLY A 637 11.67 -0.83 21.76
C GLY A 637 10.41 -1.66 21.91
N SER A 638 9.61 -1.72 20.86
CA SER A 638 8.28 -2.27 20.94
C SER A 638 8.20 -3.65 20.31
N TYR A 639 8.46 -3.78 19.01
CA TYR A 639 8.57 -5.11 18.39
C TYR A 639 9.25 -5.13 17.04
N SER A 640 9.62 -6.31 16.59
CA SER A 640 10.39 -6.44 15.37
C SER A 640 9.63 -6.01 14.14
N TYR A 641 10.38 -5.67 13.10
CA TYR A 641 9.84 -5.37 11.80
C TYR A 641 10.91 -5.73 10.80
N VAL A 642 10.51 -5.97 9.56
CA VAL A 642 11.47 -6.43 8.58
C VAL A 642 12.13 -5.22 7.99
N ALA A 643 13.28 -4.84 8.53
CA ALA A 643 14.01 -3.72 7.98
C ALA A 643 14.35 -3.99 6.54
N ALA A 644 14.50 -2.92 5.77
CA ALA A 644 15.01 -3.04 4.41
C ALA A 644 16.42 -3.61 4.50
N GLY A 645 16.71 -4.56 3.63
CA GLY A 645 17.98 -5.25 3.66
C GLY A 645 17.98 -6.52 4.47
N SER A 646 16.90 -6.77 5.20
CA SER A 646 16.68 -8.04 5.90
C SER A 646 15.64 -8.82 5.11
N SER A 647 15.37 -10.04 5.55
CA SER A 647 14.34 -10.87 4.96
C SER A 647 13.62 -11.58 6.10
N GLY A 648 12.71 -12.45 5.74
CA GLY A 648 12.03 -13.26 6.74
C GLY A 648 13.00 -14.29 7.25
N ASN A 649 13.99 -14.61 6.44
CA ASN A 649 14.99 -15.55 6.83
C ASN A 649 15.68 -15.25 8.15
N ASP A 650 16.02 -13.98 8.37
CA ASP A 650 16.66 -13.61 9.62
C ASP A 650 15.87 -14.09 10.83
N TYR A 651 14.55 -14.01 10.78
CA TYR A 651 13.73 -14.62 11.82
C TYR A 651 14.12 -16.08 12.09
N ASP A 652 14.43 -16.85 11.06
CA ASP A 652 14.84 -18.24 11.26
C ASP A 652 16.22 -18.32 11.85
N LEU A 653 17.12 -17.52 11.34
CA LEU A 653 18.43 -17.40 11.94
C LEU A 653 18.32 -17.12 13.42
N MET A 654 17.45 -16.20 13.78
CA MET A 654 17.31 -15.85 15.19
C MET A 654 16.88 -17.02 16.04
N ALA A 655 16.11 -17.93 15.49
CA ALA A 655 15.61 -19.08 16.26
C ALA A 655 16.63 -20.23 16.43
N GLN A 656 17.61 -20.29 15.52
CA GLN A 656 18.54 -21.41 15.49
C GLN A 656 19.29 -21.43 16.81
N PRO A 657 19.27 -22.58 17.51
CA PRO A 657 19.97 -22.72 18.76
C PRO A 657 21.47 -22.76 18.52
N ILE A 658 22.26 -22.55 19.58
CA ILE A 658 23.72 -22.46 19.46
C ILE A 658 24.45 -23.62 20.15
N THR A 659 25.45 -24.19 19.47
CA THR A 659 26.19 -25.31 20.01
C THR A 659 27.63 -24.88 20.34
N PRO A 660 28.07 -25.09 21.59
CA PRO A 660 29.44 -24.73 21.94
C PRO A 660 30.47 -25.61 21.21
N GLY A 661 31.73 -25.16 21.17
CA GLY A 661 32.82 -26.04 20.73
C GLY A 661 32.99 -27.18 21.72
N PRO A 662 33.79 -28.19 21.37
CA PRO A 662 34.02 -29.25 22.34
C PRO A 662 34.94 -28.71 23.44
N SER A 663 34.98 -29.35 24.61
CA SER A 663 35.87 -28.90 25.69
C SER A 663 37.33 -29.32 25.44
N ILE A 664 37.54 -30.63 25.37
CA ILE A 664 38.85 -31.19 25.05
C ILE A 664 38.86 -31.25 23.53
N PRO A 665 39.97 -30.85 22.88
CA PRO A 665 39.89 -30.98 21.41
C PRO A 665 39.80 -32.46 20.97
N GLY A 666 39.15 -32.70 19.84
CA GLY A 666 38.92 -34.05 19.35
C GLY A 666 37.97 -34.86 20.23
N ALA A 667 37.16 -34.18 21.03
CA ALA A 667 36.09 -34.85 21.77
C ALA A 667 34.84 -34.77 20.90
N PRO A 668 33.89 -35.70 21.07
CA PRO A 668 32.74 -35.72 20.18
C PRO A 668 31.94 -34.41 20.16
N GLN A 669 31.25 -34.18 19.05
CA GLN A 669 30.42 -32.98 18.83
C GLN A 669 29.44 -32.82 19.96
N PRO A 670 29.46 -31.66 20.64
CA PRO A 670 28.51 -31.55 21.74
C PRO A 670 27.09 -31.19 21.28
N ILE A 671 26.13 -31.63 22.07
CA ILE A 671 24.77 -31.10 22.03
C ILE A 671 24.73 -29.55 22.04
N PRO A 672 23.64 -28.97 21.53
CA PRO A 672 23.46 -27.55 21.60
C PRO A 672 22.85 -27.15 22.93
N ARG A 673 23.31 -26.00 23.43
CA ARG A 673 23.03 -25.58 24.79
C ARG A 673 22.33 -24.22 24.95
N LEU A 674 22.28 -23.40 23.91
CA LEU A 674 21.69 -22.06 24.03
C LEU A 674 20.57 -21.94 23.01
N PHE A 675 19.36 -21.66 23.49
CA PHE A 675 18.17 -21.65 22.64
C PHE A 675 17.54 -20.25 22.58
N PHE A 676 16.80 -19.96 21.52
CA PHE A 676 16.16 -18.64 21.44
C PHE A 676 14.69 -18.72 21.12
N ALA A 677 13.91 -17.92 21.82
CA ALA A 677 12.49 -17.77 21.55
C ALA A 677 12.09 -16.31 21.70
N GLY A 678 10.80 -16.06 21.56
CA GLY A 678 10.30 -14.70 21.53
C GLY A 678 9.86 -14.24 20.16
N GLU A 679 9.15 -13.13 20.19
CA GLU A 679 8.48 -12.52 19.03
C GLU A 679 9.35 -12.39 17.78
N HIS A 680 10.64 -12.16 17.97
CA HIS A 680 11.61 -12.05 16.86
C HIS A 680 12.17 -13.38 16.37
N THR A 681 11.61 -14.50 16.82
CA THR A 681 12.10 -15.80 16.36
C THR A 681 11.12 -16.54 15.50
N ILE A 682 9.91 -16.05 15.44
CA ILE A 682 8.88 -16.74 14.72
C ILE A 682 8.55 -15.99 13.42
N ARG A 683 9.00 -16.58 12.34
CA ARG A 683 8.89 -16.01 11.01
C ARG A 683 7.48 -15.72 10.56
N ASN A 684 6.51 -16.54 10.96
CA ASN A 684 5.14 -16.37 10.42
C ASN A 684 4.20 -15.63 11.34
N TYR A 685 4.63 -15.35 12.57
CA TYR A 685 3.78 -14.64 13.51
C TYR A 685 4.58 -13.59 14.30
N PRO A 686 5.51 -12.91 13.61
CA PRO A 686 6.34 -11.94 14.30
C PRO A 686 5.53 -10.88 14.97
N ALA A 687 6.20 -10.21 15.89
CA ALA A 687 5.67 -9.10 16.62
C ALA A 687 4.26 -9.26 17.11
N THR A 688 3.94 -10.39 17.72
CA THR A 688 2.64 -10.56 18.35
C THR A 688 2.77 -11.46 19.55
N VAL A 689 1.72 -11.50 20.35
CA VAL A 689 1.69 -12.44 21.43
C VAL A 689 1.70 -13.88 20.92
N HIS A 690 0.78 -14.22 20.02
CA HIS A 690 0.66 -15.61 19.59
C HIS A 690 1.99 -16.10 19.09
N GLY A 691 2.74 -15.22 18.44
CA GLY A 691 4.07 -15.57 17.94
C GLY A 691 5.01 -15.86 19.09
N ALA A 692 4.97 -15.00 20.10
CA ALA A 692 5.81 -15.21 21.26
C ALA A 692 5.50 -16.58 21.80
N LEU A 693 4.25 -16.81 22.14
CA LEU A 693 3.95 -18.06 22.80
C LEU A 693 4.21 -19.20 21.85
N LEU A 694 3.99 -19.02 20.55
CA LEU A 694 4.23 -20.14 19.66
C LEU A 694 5.71 -20.51 19.66
N SER A 695 6.57 -19.50 19.73
CA SER A 695 8.01 -19.73 19.78
C SER A 695 8.35 -20.42 21.07
N GLY A 696 7.72 -19.97 22.16
CA GLY A 696 7.87 -20.61 23.46
C GLY A 696 7.55 -22.09 23.41
N LEU A 697 6.40 -22.44 22.85
CA LEU A 697 6.02 -23.83 22.79
C LEU A 697 7.05 -24.59 21.97
N ARG A 698 7.45 -23.98 20.87
CA ARG A 698 8.40 -24.56 19.92
C ARG A 698 9.71 -24.93 20.60
N GLU A 699 10.32 -23.99 21.32
CA GLU A 699 11.60 -24.25 21.94
C GLU A 699 11.46 -25.34 22.97
N ALA A 700 10.43 -25.24 23.80
CA ALA A 700 10.17 -26.27 24.81
C ALA A 700 10.14 -27.67 24.20
N GLY A 701 9.48 -27.81 23.07
CA GLY A 701 9.48 -29.08 22.37
C GLY A 701 10.87 -29.49 21.93
N ARG A 702 11.65 -28.53 21.48
CA ARG A 702 12.97 -28.82 20.94
C ARG A 702 13.93 -29.24 22.05
N ILE A 703 13.86 -28.51 23.16
CA ILE A 703 14.71 -28.80 24.31
C ILE A 703 14.39 -30.20 24.83
N ALA A 704 13.13 -30.45 25.10
CA ALA A 704 12.73 -31.78 25.53
C ALA A 704 13.25 -32.87 24.59
N ASP A 705 13.06 -32.71 23.29
CA ASP A 705 13.60 -33.67 22.30
C ASP A 705 15.10 -33.92 22.51
N GLN A 706 15.83 -32.89 22.94
CA GLN A 706 17.24 -33.02 23.24
C GLN A 706 17.52 -33.77 24.54
N PHE A 707 16.98 -33.28 25.64
CA PHE A 707 17.41 -33.70 26.97
C PHE A 707 16.61 -34.85 27.56
N LEU A 708 15.40 -35.07 27.05
CA LEU A 708 14.59 -36.20 27.45
C LEU A 708 14.51 -37.24 26.36
N GLY A 709 14.96 -36.91 25.14
CA GLY A 709 14.83 -37.83 24.01
C GLY A 709 13.39 -38.02 23.57
N ALA A 710 13.20 -38.43 22.32
CA ALA A 710 11.86 -38.54 21.74
C ALA A 710 11.63 -39.93 21.18
N MET A 711 10.96 -40.79 21.93
CA MET A 711 10.81 -42.19 21.52
C MET A 711 9.65 -42.37 20.53
N TYR A 712 9.09 -41.27 20.03
CA TYR A 712 7.96 -41.28 19.06
C TYR A 712 8.39 -41.23 17.59
N THR A 713 9.70 -41.24 17.35
CA THR A 713 10.27 -41.00 16.02
C THR A 713 10.60 -42.30 15.27
N LEU A 714 10.12 -43.45 15.77
CA LEU A 714 10.48 -44.78 15.26
C LEU A 714 9.39 -45.36 14.34
N ARG B 4 0.03 -8.60 -13.10
CA ARG B 4 0.93 -7.92 -14.09
C ARG B 4 0.37 -6.58 -14.62
N LYS B 5 -0.57 -5.99 -13.89
CA LYS B 5 -1.08 -4.65 -14.22
C LYS B 5 -1.23 -3.79 -12.97
N PRO B 6 -0.81 -2.52 -13.06
CA PRO B 6 -1.03 -1.57 -11.98
C PRO B 6 -2.50 -1.51 -11.60
N PRO B 7 -2.82 -1.14 -10.35
CA PRO B 7 -4.20 -0.75 -10.09
C PRO B 7 -4.64 0.30 -11.11
N LYS B 8 -5.94 0.46 -11.32
CA LYS B 8 -6.42 1.32 -12.42
C LYS B 8 -6.06 2.77 -12.15
N GLY B 9 -5.79 3.55 -13.19
CA GLY B 9 -5.45 4.98 -13.06
C GLY B 9 -4.14 5.33 -12.33
N MET B 10 -3.41 4.30 -11.89
CA MET B 10 -2.06 4.47 -11.40
C MET B 10 -1.19 4.25 -12.63
N PHE B 11 -0.21 5.11 -12.84
CA PHE B 11 0.66 4.98 -14.00
C PHE B 11 2.09 4.73 -13.60
N LEU B 12 2.70 3.72 -14.23
CA LEU B 12 4.05 3.30 -13.90
C LEU B 12 4.63 2.54 -15.09
N SER B 13 5.57 3.15 -15.80
CA SER B 13 6.31 2.39 -16.80
C SER B 13 7.75 2.26 -16.33
N GLN B 14 8.41 1.21 -16.79
CA GLN B 14 9.80 0.95 -16.45
C GLN B 14 10.63 2.24 -16.52
N GLU B 15 10.62 2.86 -17.70
CA GLU B 15 11.49 3.99 -18.01
C GLU B 15 11.37 5.21 -17.08
N ASP B 16 10.14 5.56 -16.69
CA ASP B 16 9.92 6.74 -15.85
C ASP B 16 10.46 6.47 -14.46
N VAL B 17 10.26 5.23 -14.01
CA VAL B 17 10.76 4.80 -12.71
C VAL B 17 12.25 5.10 -12.62
N GLU B 18 12.99 4.63 -13.64
CA GLU B 18 14.44 4.86 -13.76
C GLU B 18 14.78 6.35 -13.80
N ALA B 19 13.91 7.11 -14.48
CA ALA B 19 14.08 8.54 -14.68
C ALA B 19 13.89 9.40 -13.42
N VAL B 20 13.00 8.99 -12.54
CA VAL B 20 12.76 9.76 -11.32
C VAL B 20 13.79 9.40 -10.23
N SER B 21 14.41 8.23 -10.38
CA SER B 21 15.34 7.69 -9.39
C SER B 21 16.84 8.06 -9.61
N ALA B 22 17.33 7.92 -10.84
CA ALA B 22 18.78 7.99 -11.14
C ALA B 22 19.57 9.07 -10.37
N ASN B 23 19.18 10.34 -10.50
CA ASN B 23 19.73 11.41 -9.68
C ASN B 23 18.99 11.40 -8.31
N ALA B 24 19.58 12.05 -7.30
CA ALA B 24 18.95 12.23 -5.97
C ALA B 24 17.78 13.24 -5.98
N THR B 25 17.84 14.23 -6.88
CA THR B 25 16.75 15.19 -7.13
C THR B 25 16.07 15.04 -8.52
N ALA B 26 16.48 14.04 -9.32
CA ALA B 26 15.94 13.82 -10.69
C ALA B 26 14.43 13.93 -10.73
N ALA B 27 13.80 13.55 -9.62
CA ALA B 27 12.39 13.75 -9.43
C ALA B 27 12.01 15.21 -9.65
N THR B 28 12.39 16.09 -8.72
CA THR B 28 11.99 17.51 -8.78
C THR B 28 12.47 18.23 -10.06
N THR B 29 13.65 17.84 -10.57
CA THR B 29 14.10 18.28 -11.89
C THR B 29 13.01 18.05 -12.95
N VAL B 30 12.68 16.78 -13.19
CA VAL B 30 11.69 16.40 -14.21
C VAL B 30 10.34 17.09 -13.99
N LEU B 31 9.88 17.13 -12.75
CA LEU B 31 8.60 17.77 -12.42
C LEU B 31 8.64 19.29 -12.56
N ARG B 32 9.81 19.89 -12.39
CA ARG B 32 9.97 21.32 -12.62
C ARG B 32 10.01 21.65 -14.11
N GLN B 33 10.63 20.77 -14.91
CA GLN B 33 10.72 20.95 -16.37
C GLN B 33 9.35 21.05 -16.99
N LEU B 34 8.49 20.12 -16.60
CA LEU B 34 7.13 20.09 -17.07
C LEU B 34 6.36 21.31 -16.57
N ASP B 35 6.52 21.67 -15.30
CA ASP B 35 5.90 22.88 -14.75
C ASP B 35 6.14 24.08 -15.67
N MET B 36 7.39 24.28 -16.07
CA MET B 36 7.74 25.36 -17.01
C MET B 36 7.21 25.06 -18.41
N GLU B 37 7.61 23.93 -18.97
CA GLU B 37 7.14 23.52 -20.30
C GLU B 37 5.62 23.63 -20.46
N LEU B 38 4.90 23.58 -19.34
CA LEU B 38 3.49 23.91 -19.36
C LEU B 38 3.31 25.42 -19.51
N VAL B 39 3.75 26.21 -18.52
CA VAL B 39 3.53 27.68 -18.57
C VAL B 39 3.98 28.27 -19.91
N SER B 40 5.02 27.70 -20.51
CA SER B 40 5.43 27.99 -21.88
C SER B 40 4.28 27.85 -22.90
N VAL B 41 3.65 26.68 -22.93
CA VAL B 41 2.54 26.45 -23.84
C VAL B 41 1.33 27.28 -23.45
N LYS B 42 1.09 27.44 -22.16
CA LYS B 42 -0.03 28.25 -21.72
C LYS B 42 0.08 29.68 -22.24
N ARG B 43 1.29 30.23 -22.30
CA ARG B 43 1.49 31.59 -22.82
C ARG B 43 1.30 31.62 -24.33
N GLN B 44 1.90 30.66 -25.03
CA GLN B 44 1.88 30.63 -26.48
C GLN B 44 0.43 30.46 -26.98
N ILE B 45 -0.45 29.93 -26.13
CA ILE B 45 -1.91 29.98 -26.35
C ILE B 45 -2.41 31.42 -26.38
N GLN B 46 -1.92 32.23 -25.44
CA GLN B 46 -2.31 33.63 -25.33
C GLN B 46 -1.96 34.45 -26.57
N ASN B 47 -0.79 34.16 -27.12
CA ASN B 47 -0.36 34.75 -28.37
C ASN B 47 -1.42 34.52 -29.44
N ILE B 48 -1.56 33.26 -29.85
CA ILE B 48 -2.41 32.89 -30.95
C ILE B 48 -3.87 33.27 -30.71
N LYS B 49 -4.29 33.30 -29.45
CA LYS B 49 -5.63 33.81 -29.12
C LYS B 49 -5.76 35.23 -29.60
N GLN B 50 -4.80 36.06 -29.20
CA GLN B 50 -4.86 37.51 -29.46
C GLN B 50 -4.58 37.84 -30.93
N THR B 51 -3.60 37.16 -31.53
CA THR B 51 -3.41 37.15 -32.98
C THR B 51 -4.73 36.83 -33.71
N ASN B 52 -5.33 35.69 -33.40
CA ASN B 52 -6.61 35.32 -34.06
C ASN B 52 -7.75 36.24 -33.71
N SER B 53 -7.67 36.94 -32.58
CA SER B 53 -8.68 37.91 -32.19
C SER B 53 -8.68 39.12 -33.11
N ALA B 54 -7.49 39.56 -33.52
CA ALA B 54 -7.34 40.70 -34.45
C ALA B 54 -7.74 40.33 -35.88
N LEU B 55 -7.34 39.15 -36.34
CA LEU B 55 -7.78 38.63 -37.64
C LEU B 55 -9.29 38.53 -37.70
N LYS B 56 -9.91 38.14 -36.60
CA LYS B 56 -11.36 38.06 -36.52
C LYS B 56 -11.97 39.44 -36.71
N GLU B 57 -11.35 40.46 -36.10
CA GLU B 57 -11.85 41.82 -36.21
C GLU B 57 -11.83 42.36 -37.64
N LYS B 58 -10.77 42.02 -38.39
CA LYS B 58 -10.67 42.40 -39.80
C LYS B 58 -11.77 41.81 -40.67
N LEU B 59 -12.17 40.57 -40.40
CA LEU B 59 -13.27 39.96 -41.15
C LEU B 59 -14.67 40.51 -40.79
N ASP B 60 -14.75 41.44 -39.83
CA ASP B 60 -16.05 41.90 -39.38
C ASP B 60 -16.75 42.61 -40.50
N GLY B 61 -17.99 42.21 -40.73
CA GLY B 61 -18.76 42.60 -41.90
C GLY B 61 -19.13 41.36 -42.68
N GLY B 62 -18.30 40.33 -42.54
CA GLY B 62 -18.41 39.14 -43.37
C GLY B 62 -18.17 39.55 -44.81
N ILE B 63 -18.82 38.87 -45.74
CA ILE B 63 -18.73 39.25 -47.14
C ILE B 63 -20.10 39.64 -47.67
N GLU B 64 -21.05 39.87 -46.77
CA GLU B 64 -22.45 40.00 -47.17
C GLU B 64 -22.74 41.21 -48.09
N PRO B 65 -22.03 42.33 -47.90
CA PRO B 65 -22.19 43.44 -48.83
C PRO B 65 -21.78 43.14 -50.28
N TYR B 66 -20.93 42.13 -50.50
CA TYR B 66 -20.39 41.82 -51.82
C TYR B 66 -21.04 40.60 -52.42
N ARG B 67 -22.19 40.24 -51.87
CA ARG B 67 -22.87 39.07 -52.37
C ARG B 67 -23.58 39.44 -53.66
N LEU B 68 -23.57 38.52 -54.61
CA LEU B 68 -24.31 38.73 -55.85
C LEU B 68 -25.53 37.84 -55.88
N PRO B 69 -26.66 38.38 -56.33
CA PRO B 69 -27.86 37.60 -56.60
C PRO B 69 -27.64 36.28 -57.37
N GLU B 70 -28.64 35.39 -57.22
CA GLU B 70 -28.64 34.08 -57.87
C GLU B 70 -29.22 34.13 -59.30
N VAL B 71 -28.40 33.74 -60.27
CA VAL B 71 -28.84 33.57 -61.65
C VAL B 71 -29.37 32.14 -61.80
N ILE B 72 -30.57 31.98 -62.35
CA ILE B 72 -31.12 30.63 -62.61
C ILE B 72 -31.63 30.47 -64.04
N GLN B 73 -30.70 30.27 -64.95
CA GLN B 73 -31.05 30.05 -66.35
C GLN B 73 -31.35 28.57 -66.54
N LYS B 74 -32.38 28.26 -67.33
CA LYS B 74 -32.81 26.88 -67.56
C LYS B 74 -32.08 26.33 -68.79
N CYS B 75 -31.29 25.28 -68.62
CA CYS B 75 -30.46 24.74 -69.72
C CYS B 75 -31.21 24.68 -71.06
N ASN B 76 -30.52 25.06 -72.14
CA ASN B 76 -31.12 25.14 -73.46
C ASN B 76 -30.25 24.40 -74.48
N ALA B 77 -30.90 23.81 -75.49
CA ALA B 77 -30.22 23.02 -76.51
C ALA B 77 -29.56 23.89 -77.58
N ARG B 78 -30.22 24.99 -77.95
CA ARG B 78 -29.71 25.88 -78.99
C ARG B 78 -28.49 26.66 -78.51
N TRP B 79 -27.66 27.05 -79.47
CA TRP B 79 -26.59 28.04 -79.24
C TRP B 79 -26.89 29.32 -80.01
N THR B 80 -27.14 30.41 -79.30
CA THR B 80 -27.19 31.70 -79.94
C THR B 80 -25.76 32.03 -80.35
N THR B 81 -25.64 32.78 -81.44
CA THR B 81 -24.36 33.29 -81.91
C THR B 81 -23.64 34.01 -80.75
N GLU B 82 -24.39 34.73 -79.94
CA GLU B 82 -23.88 35.34 -78.72
C GLU B 82 -23.23 34.28 -77.83
N GLU B 83 -23.99 33.23 -77.53
CA GLU B 83 -23.57 32.19 -76.60
C GLU B 83 -22.27 31.56 -77.05
N GLN B 84 -22.13 31.35 -78.35
CA GLN B 84 -20.90 30.75 -78.90
C GLN B 84 -19.70 31.64 -78.60
N LEU B 85 -19.90 32.94 -78.76
CA LEU B 85 -18.82 33.91 -78.57
C LEU B 85 -18.35 33.92 -77.13
N LEU B 86 -19.28 33.85 -76.20
CA LEU B 86 -18.92 33.75 -74.78
C LEU B 86 -18.08 32.50 -74.54
N ALA B 87 -18.53 31.37 -75.09
CA ALA B 87 -17.77 30.13 -74.99
C ALA B 87 -16.30 30.37 -75.32
N VAL B 88 -16.05 30.78 -76.56
CA VAL B 88 -14.69 30.96 -77.05
C VAL B 88 -13.82 31.88 -76.18
N GLN B 89 -14.43 32.94 -75.66
CA GLN B 89 -13.70 33.82 -74.75
C GLN B 89 -13.44 33.13 -73.43
N ALA B 90 -14.39 32.29 -73.02
CA ALA B 90 -14.29 31.53 -71.77
C ALA B 90 -13.23 30.46 -71.90
N ILE B 91 -13.29 29.71 -72.99
CA ILE B 91 -12.27 28.74 -73.29
C ILE B 91 -10.93 29.42 -73.12
N ARG B 92 -10.75 30.54 -73.82
CA ARG B 92 -9.50 31.30 -73.78
C ARG B 92 -9.09 31.67 -72.35
N LYS B 93 -10.06 32.11 -71.55
CA LYS B 93 -9.79 32.54 -70.19
C LYS B 93 -9.72 31.39 -69.21
N TYR B 94 -10.41 30.28 -69.48
CA TYR B 94 -10.56 29.20 -68.49
C TYR B 94 -9.96 27.84 -68.84
N GLY B 95 -9.61 27.64 -70.11
CA GLY B 95 -9.07 26.36 -70.56
C GLY B 95 -10.10 25.24 -70.52
N ARG B 96 -9.96 24.37 -69.51
CA ARG B 96 -10.79 23.16 -69.39
C ARG B 96 -11.73 23.15 -68.20
N ASP B 97 -11.78 24.23 -67.43
CA ASP B 97 -12.69 24.27 -66.28
C ASP B 97 -14.11 24.38 -66.85
N PHE B 98 -14.64 23.24 -67.28
CA PHE B 98 -15.89 23.24 -68.02
C PHE B 98 -17.02 23.75 -67.14
N GLN B 99 -16.87 23.55 -65.84
CA GLN B 99 -17.86 24.02 -64.89
C GLN B 99 -18.00 25.53 -65.04
N ALA B 100 -16.87 26.22 -64.91
CA ALA B 100 -16.79 27.68 -65.02
C ALA B 100 -17.32 28.19 -66.35
N ILE B 101 -16.95 27.52 -67.42
CA ILE B 101 -17.46 27.88 -68.73
C ILE B 101 -18.98 27.81 -68.76
N SER B 102 -19.55 26.71 -68.28
CA SER B 102 -21.01 26.57 -68.19
C SER B 102 -21.62 27.64 -67.31
N ASP B 103 -21.01 27.89 -66.15
CA ASP B 103 -21.48 28.92 -65.24
C ASP B 103 -21.59 30.27 -65.94
N VAL B 104 -20.58 30.59 -66.75
CA VAL B 104 -20.50 31.89 -67.42
C VAL B 104 -21.56 32.05 -68.50
N ILE B 105 -21.63 31.10 -69.41
CA ILE B 105 -22.60 31.18 -70.50
C ILE B 105 -23.98 31.35 -69.89
N GLY B 106 -24.18 30.70 -68.75
CA GLY B 106 -25.34 30.94 -67.90
C GLY B 106 -26.33 29.80 -67.98
N ASN B 107 -26.56 29.29 -69.19
CA ASN B 107 -27.58 28.26 -69.40
C ASN B 107 -27.15 27.11 -70.33
N LYS B 108 -25.93 26.62 -70.17
CA LYS B 108 -25.51 25.44 -70.92
C LYS B 108 -24.88 24.42 -69.96
N SER B 109 -25.37 23.18 -70.02
CA SER B 109 -24.83 22.04 -69.27
C SER B 109 -23.37 21.79 -69.57
N VAL B 110 -22.69 21.14 -68.63
CA VAL B 110 -21.25 20.92 -68.76
C VAL B 110 -20.94 19.92 -69.87
N VAL B 111 -21.87 19.01 -70.12
CA VAL B 111 -21.78 18.13 -71.29
C VAL B 111 -21.88 18.99 -72.56
N GLN B 112 -22.91 19.83 -72.65
CA GLN B 112 -23.15 20.65 -73.85
C GLN B 112 -21.89 21.43 -74.18
N VAL B 113 -21.25 21.92 -73.12
CA VAL B 113 -19.95 22.59 -73.18
C VAL B 113 -18.89 21.69 -73.79
N LYS B 114 -18.81 20.44 -73.33
CA LYS B 114 -17.80 19.48 -73.82
C LYS B 114 -18.00 19.15 -75.29
N ASN B 115 -19.22 18.77 -75.64
CA ASN B 115 -19.56 18.57 -77.05
C ASN B 115 -19.11 19.77 -77.85
N PHE B 116 -19.50 20.96 -77.37
CA PHE B 116 -19.16 22.21 -78.03
C PHE B 116 -17.73 22.18 -78.56
N PHE B 117 -16.78 21.75 -77.72
CA PHE B 117 -15.37 21.68 -78.13
C PHE B 117 -15.31 20.84 -79.39
N VAL B 118 -15.89 19.66 -79.37
CA VAL B 118 -15.78 18.75 -80.50
C VAL B 118 -16.52 19.30 -81.73
N ASN B 119 -17.80 19.62 -81.59
CA ASN B 119 -18.58 20.06 -82.77
C ASN B 119 -17.99 21.31 -83.43
N TYR B 120 -17.48 22.25 -82.64
CA TYR B 120 -17.01 23.50 -83.22
C TYR B 120 -15.49 23.58 -83.38
N ARG B 121 -14.74 22.92 -82.49
CA ARG B 121 -13.26 22.83 -82.57
C ARG B 121 -12.72 23.08 -83.95
N ARG B 122 -13.23 22.29 -84.89
CA ARG B 122 -13.09 22.55 -86.31
C ARG B 122 -12.88 24.04 -86.68
N ARG B 123 -13.89 24.87 -86.40
CA ARG B 123 -14.01 26.23 -86.92
C ARG B 123 -13.58 27.33 -85.95
N PHE B 124 -13.61 27.04 -84.66
CA PHE B 124 -13.14 27.98 -83.66
C PHE B 124 -11.71 27.67 -83.19
N ASN B 125 -10.95 26.91 -83.96
CA ASN B 125 -9.55 26.61 -83.66
C ASN B 125 -9.31 26.40 -82.18
N ILE B 126 -10.21 25.65 -81.57
CA ILE B 126 -10.24 25.52 -80.12
C ILE B 126 -8.94 24.86 -79.64
N ASP B 127 -8.29 24.15 -80.55
CA ASP B 127 -6.89 23.75 -80.38
C ASP B 127 -6.03 24.96 -80.07
N GLU B 128 -5.89 25.83 -81.07
CA GLU B 128 -5.10 27.06 -80.94
C GLU B 128 -5.49 27.81 -79.68
N VAL B 129 -6.78 28.06 -79.54
CA VAL B 129 -7.27 28.81 -78.38
C VAL B 129 -6.70 28.22 -77.12
N LEU B 130 -6.73 26.90 -77.02
CA LEU B 130 -6.37 26.22 -75.78
C LEU B 130 -4.88 26.26 -75.47
N GLN B 131 -4.04 26.30 -76.50
CA GLN B 131 -2.59 26.40 -76.31
C GLN B 131 -2.27 27.75 -75.67
N GLU B 132 -2.98 28.77 -76.14
CA GLU B 132 -2.84 30.15 -75.65
C GLU B 132 -3.15 30.25 -74.17
N TRP B 133 -4.18 29.54 -73.73
CA TRP B 133 -4.51 29.47 -72.31
C TRP B 133 -3.41 28.73 -71.55
N GLU B 134 -2.92 27.66 -72.16
CA GLU B 134 -1.80 26.89 -71.60
C GLU B 134 -0.58 27.79 -71.38
N ALA B 135 -0.28 28.65 -72.35
CA ALA B 135 0.83 29.59 -72.21
C ALA B 135 0.60 30.65 -71.10
N GLU B 136 0.07 30.22 -69.95
CA GLU B 136 -0.26 31.11 -68.83
C GLU B 136 -0.39 30.29 -67.54
#